data_4OE7
#
_entry.id   4OE7
#
_cell.length_a   141.240
_cell.length_b   155.140
_cell.length_c   55.580
_cell.angle_alpha   90.00
_cell.angle_beta   90.00
_cell.angle_gamma   90.00
#
_symmetry.space_group_name_H-M   'P 21 21 2'
#
loop_
_entity.id
_entity.type
_entity.pdbx_description
1 polymer 'Probable 2-keto-3-deoxy-galactonate aldolase YagE'
2 non-polymer 1,2-ETHANEDIOL
3 non-polymer GLYCEROL
4 non-polymer 'MAGNESIUM ION'
5 non-polymer ethanedial
6 non-polymer 'PYRUVIC ACID'
7 non-polymer '(4S)-4-hydroxy-2,5-dioxopentanoic acid'
8 non-polymer '(4R)-4-hydroxy-2,5-dioxopentanoic acid'
9 water water
#
_entity_poly.entity_id   1
_entity_poly.type   'polypeptide(L)'
_entity_poly.pdbx_seq_one_letter_code
;MGSSHHHHHHSAGENLYFQGQQGDLMPQSALFTGIIPPVSTIFTADGQLDKPGTAALIDDLIKAGVDGLFFLGSGGEFSQ
LGAEERKAIARFAIDHVDRRVPVLIGTGGTNARETIELSQHAQQAGADGIVVINPYYWKVSEANLIRYFEQVADSVTLPV
MLYNFPALTGQDLTPALVKTLADSRSNIIGIKDTIDSVAHLRSMIHTVKGAHPHFTVLCGYDDHLFNTLLLGGDGAISAS
GNFAPQVSVNLLKAWRDGDVAKAAGYHQTLLQIPQMYQLDTPFVNVIKEAIVLCGRPVSTHVLPPASPLDEPRKAQLKTL
LQQLKLCCGRTRAPPPPPLRSGC
;
_entity_poly.pdbx_strand_id   A,B,C,D
#
# COMPACT_ATOMS: atom_id res chain seq x y z
N ALA A 30 -12.85 31.13 -13.20
CA ALA A 30 -12.87 29.68 -12.84
C ALA A 30 -14.21 29.07 -13.23
N LEU A 31 -14.17 27.94 -13.90
CA LEU A 31 -15.36 27.20 -14.35
C LEU A 31 -15.75 26.04 -13.39
N PHE A 32 -17.04 25.81 -13.28
CA PHE A 32 -17.58 24.73 -12.49
C PHE A 32 -17.13 24.84 -11.01
N THR A 33 -17.36 26.01 -10.42
CA THR A 33 -17.09 26.21 -8.98
C THR A 33 -18.37 25.99 -8.22
N GLY A 34 -18.23 25.92 -6.91
CA GLY A 34 -19.33 25.83 -6.00
C GLY A 34 -19.79 24.38 -5.76
N ILE A 35 -21.11 24.17 -5.61
CA ILE A 35 -21.66 22.85 -5.29
C ILE A 35 -22.21 22.17 -6.52
N ILE A 36 -21.53 21.08 -6.96
CA ILE A 36 -21.93 20.32 -8.10
C ILE A 36 -22.11 18.83 -7.78
N PRO A 37 -23.37 18.39 -7.51
CA PRO A 37 -23.57 16.98 -7.15
C PRO A 37 -23.23 15.97 -8.26
N PRO A 38 -22.56 14.85 -7.84
CA PRO A 38 -22.44 13.68 -8.69
C PRO A 38 -23.81 13.03 -8.65
N VAL A 39 -24.64 13.44 -9.59
CA VAL A 39 -26.05 13.04 -9.52
C VAL A 39 -26.24 11.55 -9.67
N SER A 40 -27.09 10.96 -8.82
CA SER A 40 -27.43 9.56 -8.93
C SER A 40 -28.19 9.24 -10.27
N THR A 41 -27.97 8.08 -10.88
CA THR A 41 -28.75 7.73 -12.05
C THR A 41 -29.87 6.84 -11.50
N ILE A 42 -31.14 7.20 -11.77
CA ILE A 42 -32.30 6.37 -11.30
C ILE A 42 -32.68 5.36 -12.38
N PHE A 43 -32.83 4.10 -12.00
CA PHE A 43 -33.16 3.04 -12.91
C PHE A 43 -34.43 2.36 -12.47
N THR A 44 -35.14 1.84 -13.47
CA THR A 44 -36.18 0.86 -13.16
C THR A 44 -35.56 -0.50 -12.74
N ALA A 45 -36.40 -1.44 -12.29
CA ALA A 45 -35.98 -2.77 -11.91
C ALA A 45 -35.29 -3.56 -13.02
N ASP A 46 -35.57 -3.28 -14.26
CA ASP A 46 -34.89 -3.94 -15.32
C ASP A 46 -33.52 -3.28 -15.59
N GLY A 47 -33.12 -2.28 -14.81
CA GLY A 47 -31.81 -1.64 -15.06
C GLY A 47 -31.78 -0.59 -16.17
N GLN A 48 -32.94 -0.11 -16.60
CA GLN A 48 -32.99 0.87 -17.64
C GLN A 48 -33.19 2.19 -16.93
N LEU A 49 -32.74 3.28 -17.55
CA LEU A 49 -32.97 4.65 -17.11
C LEU A 49 -34.44 4.95 -16.76
N ASP A 50 -34.66 5.47 -15.56
CA ASP A 50 -36.00 5.87 -15.05
C ASP A 50 -36.07 7.35 -15.24
N LYS A 51 -36.75 7.79 -16.29
CA LYS A 51 -36.71 9.21 -16.68
C LYS A 51 -37.48 10.15 -15.74
N PRO A 52 -38.73 9.80 -15.35
CA PRO A 52 -39.40 10.61 -14.32
C PRO A 52 -38.63 10.68 -12.98
N GLY A 53 -38.05 9.56 -12.55
CA GLY A 53 -37.29 9.57 -11.30
C GLY A 53 -36.10 10.51 -11.40
N THR A 54 -35.37 10.38 -12.49
CA THR A 54 -34.11 11.08 -12.62
C THR A 54 -34.37 12.52 -12.80
N ALA A 55 -35.38 12.82 -13.62
CA ALA A 55 -35.80 14.20 -13.82
C ALA A 55 -36.23 14.88 -12.54
N ALA A 56 -36.92 14.15 -11.68
CA ALA A 56 -37.41 14.73 -10.43
C ALA A 56 -36.22 15.06 -9.54
N LEU A 57 -35.24 14.19 -9.53
CA LEU A 57 -34.02 14.42 -8.73
C LEU A 57 -33.26 15.62 -9.24
N ILE A 58 -33.07 15.66 -10.55
CA ILE A 58 -32.46 16.83 -11.16
C ILE A 58 -33.17 18.12 -10.76
N ASP A 59 -34.51 18.12 -10.85
CA ASP A 59 -35.30 19.33 -10.48
C ASP A 59 -35.12 19.68 -8.99
N ASP A 60 -35.20 18.67 -8.13
CA ASP A 60 -34.93 18.92 -6.68
C ASP A 60 -33.61 19.65 -6.50
N LEU A 61 -32.58 19.16 -7.17
CA LEU A 61 -31.22 19.71 -6.98
C LEU A 61 -31.10 21.11 -7.52
N ILE A 62 -31.68 21.36 -8.70
CA ILE A 62 -31.64 22.71 -9.24
C ILE A 62 -32.36 23.64 -8.30
N LYS A 63 -33.56 23.21 -7.90
CA LYS A 63 -34.38 23.95 -6.92
C LYS A 63 -33.61 24.23 -5.66
N ALA A 64 -32.73 23.33 -5.21
CA ALA A 64 -31.93 23.60 -3.98
C ALA A 64 -30.77 24.59 -4.13
N GLY A 65 -30.53 25.13 -5.32
CA GLY A 65 -29.50 26.13 -5.49
C GLY A 65 -28.11 25.61 -5.86
N VAL A 66 -28.00 24.38 -6.33
CA VAL A 66 -26.66 23.88 -6.72
C VAL A 66 -26.13 24.71 -7.87
N ASP A 67 -24.82 24.67 -8.07
CA ASP A 67 -24.15 25.47 -9.10
C ASP A 67 -23.90 24.76 -10.38
N GLY A 68 -24.28 23.51 -10.46
CA GLY A 68 -23.97 22.67 -11.62
C GLY A 68 -24.40 21.26 -11.32
N LEU A 69 -24.44 20.40 -12.33
CA LEU A 69 -24.75 19.03 -12.14
C LEU A 69 -23.76 18.13 -12.91
N PHE A 70 -23.30 17.07 -12.24
CA PHE A 70 -22.32 16.11 -12.81
C PHE A 70 -23.01 14.74 -12.96
N PHE A 71 -23.20 14.32 -14.20
CA PHE A 71 -23.79 13.01 -14.53
C PHE A 71 -22.71 11.99 -14.89
N LEU A 72 -22.92 10.73 -14.52
CA LEU A 72 -22.08 9.60 -14.82
C LEU A 72 -20.67 9.72 -14.18
N GLY A 73 -20.65 10.24 -12.95
CA GLY A 73 -19.53 10.07 -12.03
C GLY A 73 -19.61 8.69 -11.40
N SER A 74 -18.75 8.44 -10.42
CA SER A 74 -18.76 7.12 -9.78
C SER A 74 -20.14 6.85 -9.18
N GLY A 75 -20.64 7.85 -8.49
CA GLY A 75 -21.97 7.79 -7.84
C GLY A 75 -23.13 7.61 -8.87
N GLY A 76 -22.87 8.03 -10.09
CA GLY A 76 -23.82 7.85 -11.20
C GLY A 76 -23.71 6.53 -11.93
N GLU A 77 -22.85 5.62 -11.42
CA GLU A 77 -22.65 4.24 -11.90
C GLU A 77 -22.06 4.07 -13.29
N PHE A 78 -21.17 4.99 -13.70
CA PHE A 78 -20.66 4.98 -15.08
C PHE A 78 -20.04 3.64 -15.41
N SER A 79 -19.32 3.10 -14.41
CA SER A 79 -18.53 1.90 -14.61
C SER A 79 -19.37 0.61 -14.67
N GLN A 80 -20.64 0.71 -14.30
CA GLN A 80 -21.55 -0.42 -14.51
C GLN A 80 -22.50 -0.26 -15.73
N LEU A 81 -22.25 0.75 -16.55
CA LEU A 81 -23.10 1.05 -17.76
C LEU A 81 -22.31 0.88 -19.01
N GLY A 82 -22.99 0.46 -20.09
CA GLY A 82 -22.36 0.35 -21.42
C GLY A 82 -22.34 1.70 -22.09
N ALA A 83 -21.55 1.81 -23.13
CA ALA A 83 -21.35 3.08 -23.79
C ALA A 83 -22.65 3.67 -24.35
N GLU A 84 -23.48 2.82 -24.96
CA GLU A 84 -24.76 3.32 -25.58
C GLU A 84 -25.68 3.77 -24.47
N GLU A 85 -25.67 3.04 -23.35
CA GLU A 85 -26.45 3.45 -22.21
C GLU A 85 -26.01 4.80 -21.69
N ARG A 86 -24.71 5.00 -21.61
CA ARG A 86 -24.16 6.28 -21.08
C ARG A 86 -24.56 7.41 -21.96
N LYS A 87 -24.46 7.22 -23.26
CA LYS A 87 -24.89 8.27 -24.18
C LYS A 87 -26.41 8.63 -23.98
N ALA A 88 -27.24 7.62 -23.94
CA ALA A 88 -28.68 7.86 -23.65
C ALA A 88 -28.90 8.69 -22.40
N ILE A 89 -28.19 8.32 -21.32
CA ILE A 89 -28.37 8.99 -20.07
C ILE A 89 -27.92 10.41 -20.11
N ALA A 90 -26.73 10.66 -20.67
CA ALA A 90 -26.21 12.00 -20.79
C ALA A 90 -27.17 12.89 -21.60
N ARG A 91 -27.65 12.34 -22.70
CA ARG A 91 -28.55 13.08 -23.61
C ARG A 91 -29.78 13.50 -22.86
N PHE A 92 -30.37 12.56 -22.12
CA PHE A 92 -31.57 12.83 -21.36
C PHE A 92 -31.33 13.89 -20.28
N ALA A 93 -30.28 13.68 -19.48
CA ALA A 93 -29.97 14.61 -18.40
C ALA A 93 -29.72 16.02 -18.91
N ILE A 94 -28.92 16.13 -19.94
CA ILE A 94 -28.54 17.45 -20.47
C ILE A 94 -29.83 18.16 -20.90
N ASP A 95 -30.63 17.41 -21.59
CA ASP A 95 -31.85 17.94 -22.12
C ASP A 95 -32.81 18.30 -21.00
N HIS A 96 -32.97 17.44 -20.00
CA HIS A 96 -33.83 17.85 -18.92
C HIS A 96 -33.34 19.11 -18.23
N VAL A 97 -32.04 19.25 -17.99
CA VAL A 97 -31.54 20.41 -17.27
C VAL A 97 -31.84 21.65 -18.07
N ASP A 98 -31.74 21.52 -19.38
CA ASP A 98 -32.19 22.60 -20.32
C ASP A 98 -31.51 23.89 -19.98
N ARG A 99 -30.20 23.78 -19.76
CA ARG A 99 -29.32 24.89 -19.49
C ARG A 99 -29.63 25.70 -18.25
N ARG A 100 -30.46 25.22 -17.34
CA ARG A 100 -30.68 25.91 -16.06
C ARG A 100 -29.44 26.01 -15.17
N VAL A 101 -28.58 24.99 -15.24
CA VAL A 101 -27.24 25.07 -14.59
C VAL A 101 -26.22 24.40 -15.48
N PRO A 102 -24.93 24.70 -15.30
CA PRO A 102 -23.93 23.96 -16.08
C PRO A 102 -23.92 22.41 -15.86
N VAL A 103 -23.66 21.67 -16.93
CA VAL A 103 -23.79 20.21 -16.90
C VAL A 103 -22.45 19.60 -17.32
N LEU A 104 -21.98 18.70 -16.46
CA LEU A 104 -20.74 17.94 -16.63
C LEU A 104 -21.12 16.51 -16.90
N ILE A 105 -20.47 15.92 -17.89
CA ILE A 105 -20.65 14.52 -18.16
C ILE A 105 -19.34 13.78 -17.89
N GLY A 106 -19.46 12.70 -17.11
CA GLY A 106 -18.31 11.81 -16.93
C GLY A 106 -18.13 10.86 -18.05
N THR A 107 -16.95 10.91 -18.69
CA THR A 107 -16.73 10.22 -19.97
C THR A 107 -15.61 9.17 -19.96
N GLY A 108 -15.01 8.96 -18.77
CA GLY A 108 -13.86 8.07 -18.62
C GLY A 108 -14.20 6.59 -18.57
N GLY A 109 -13.12 5.81 -18.47
CA GLY A 109 -13.10 4.37 -18.55
C GLY A 109 -11.67 3.95 -18.77
N THR A 110 -11.52 2.71 -19.23
CA THR A 110 -10.23 2.14 -19.67
C THR A 110 -10.01 2.19 -21.19
N ASN A 111 -11.12 2.23 -21.89
CA ASN A 111 -11.14 2.21 -23.37
C ASN A 111 -11.08 3.65 -23.87
N ALA A 112 -9.88 4.05 -24.26
CA ALA A 112 -9.64 5.43 -24.58
C ALA A 112 -10.36 5.87 -25.83
N ARG A 113 -10.56 4.97 -26.80
CA ARG A 113 -11.33 5.32 -27.99
C ARG A 113 -12.80 5.60 -27.60
N GLU A 114 -13.31 4.84 -26.64
CA GLU A 114 -14.62 5.09 -26.12
C GLU A 114 -14.66 6.40 -25.36
N THR A 115 -13.57 6.69 -24.64
CA THR A 115 -13.54 7.95 -23.94
C THR A 115 -13.75 9.13 -24.96
N ILE A 116 -13.02 9.06 -26.05
CA ILE A 116 -13.12 10.13 -27.05
C ILE A 116 -14.56 10.14 -27.62
N GLU A 117 -15.11 8.98 -27.88
CA GLU A 117 -16.43 8.92 -28.52
C GLU A 117 -17.47 9.48 -27.54
N LEU A 118 -17.40 9.06 -26.27
CA LEU A 118 -18.31 9.59 -25.27
C LEU A 118 -18.20 11.14 -25.03
N SER A 119 -16.98 11.67 -25.11
CA SER A 119 -16.72 13.08 -24.89
C SER A 119 -17.22 13.89 -26.08
N GLN A 120 -16.96 13.37 -27.27
CA GLN A 120 -17.49 14.05 -28.46
C GLN A 120 -19.01 13.99 -28.42
N HIS A 121 -19.58 12.80 -28.14
CA HIS A 121 -21.02 12.66 -27.91
C HIS A 121 -21.51 13.68 -26.92
N ALA A 122 -20.82 13.80 -25.76
CA ALA A 122 -21.22 14.80 -24.78
C ALA A 122 -21.27 16.28 -25.32
N GLN A 123 -20.27 16.63 -26.09
CA GLN A 123 -20.20 17.99 -26.60
C GLN A 123 -21.38 18.19 -27.54
N GLN A 124 -21.51 17.28 -28.48
CA GLN A 124 -22.65 17.31 -29.44
C GLN A 124 -24.02 17.43 -28.79
N ALA A 125 -24.18 16.69 -27.70
CA ALA A 125 -25.41 16.59 -26.94
C ALA A 125 -25.73 17.83 -26.11
N GLY A 126 -24.81 18.79 -26.09
CA GLY A 126 -25.01 20.02 -25.36
C GLY A 126 -24.38 20.14 -23.95
N ALA A 127 -23.46 19.24 -23.58
CA ALA A 127 -22.80 19.36 -22.22
C ALA A 127 -21.93 20.63 -22.12
N ASP A 128 -21.74 21.17 -20.93
CA ASP A 128 -20.85 22.33 -20.75
C ASP A 128 -19.38 21.90 -20.53
N GLY A 129 -19.19 20.68 -20.06
CA GLY A 129 -17.84 20.13 -19.85
C GLY A 129 -17.91 18.62 -19.62
N ILE A 130 -16.73 18.02 -19.62
CA ILE A 130 -16.55 16.60 -19.44
C ILE A 130 -15.64 16.37 -18.27
N VAL A 131 -15.81 15.21 -17.63
CA VAL A 131 -14.99 14.87 -16.44
C VAL A 131 -14.35 13.52 -16.71
N VAL A 132 -13.04 13.50 -16.71
CA VAL A 132 -12.26 12.35 -17.15
C VAL A 132 -11.29 11.86 -16.06
N ILE A 133 -11.58 10.66 -15.58
CA ILE A 133 -10.70 9.92 -14.69
C ILE A 133 -9.55 9.30 -15.39
N ASN A 134 -8.46 9.05 -14.66
CA ASN A 134 -7.33 8.27 -15.27
C ASN A 134 -7.72 6.78 -15.48
N PRO A 135 -7.15 6.12 -16.51
CA PRO A 135 -7.49 4.73 -16.78
C PRO A 135 -7.15 3.92 -15.55
N TYR A 136 -8.04 2.99 -15.16
CA TYR A 136 -7.98 2.43 -13.80
C TYR A 136 -7.76 0.93 -13.84
N TYR A 137 -7.50 0.38 -15.02
CA TYR A 137 -7.10 -1.03 -15.08
C TYR A 137 -5.56 -1.06 -15.00
N TRP A 138 -4.92 -1.01 -16.14
CA TRP A 138 -3.50 -0.72 -16.20
C TRP A 138 -3.33 0.67 -15.59
N LYS A 139 -2.27 0.84 -14.81
CA LYS A 139 -1.91 2.16 -14.34
C LYS A 139 -0.82 2.52 -15.34
N VAL A 140 -1.17 3.36 -16.31
CA VAL A 140 -0.26 3.54 -17.45
C VAL A 140 0.94 4.40 -17.11
N SER A 141 2.00 4.30 -17.89
CA SER A 141 3.21 5.12 -17.64
C SER A 141 2.81 6.56 -17.67
N GLU A 142 3.60 7.36 -16.99
CA GLU A 142 3.41 8.78 -17.00
C GLU A 142 3.32 9.39 -18.42
N ALA A 143 4.15 8.95 -19.35
CA ALA A 143 4.09 9.42 -20.78
C ALA A 143 2.73 9.09 -21.41
N ASN A 144 2.29 7.86 -21.22
CA ASN A 144 1.01 7.39 -21.73
C ASN A 144 -0.16 8.14 -21.12
N LEU A 145 -0.03 8.44 -19.83
CA LEU A 145 -1.09 9.14 -19.11
C LEU A 145 -1.24 10.56 -19.55
N ILE A 146 -0.11 11.24 -19.64
CA ILE A 146 -0.09 12.59 -20.21
C ILE A 146 -0.66 12.62 -21.65
N ARG A 147 -0.18 11.71 -22.48
CA ARG A 147 -0.69 11.61 -23.82
C ARG A 147 -2.20 11.38 -23.82
N TYR A 148 -2.68 10.47 -23.01
CA TYR A 148 -4.13 10.18 -22.93
C TYR A 148 -4.97 11.38 -22.70
N PHE A 149 -4.62 12.11 -21.67
CA PHE A 149 -5.37 13.27 -21.28
C PHE A 149 -5.29 14.37 -22.38
N GLU A 150 -4.11 14.53 -22.96
CA GLU A 150 -3.96 15.52 -24.04
C GLU A 150 -4.85 15.14 -25.25
N GLN A 151 -4.83 13.85 -25.61
CA GLN A 151 -5.65 13.33 -26.72
C GLN A 151 -7.13 13.52 -26.37
N VAL A 152 -7.54 13.22 -25.14
CA VAL A 152 -8.95 13.40 -24.79
C VAL A 152 -9.30 14.90 -24.86
N ALA A 153 -8.46 15.75 -24.28
CA ALA A 153 -8.70 17.21 -24.29
C ALA A 153 -8.71 17.77 -25.72
N ASP A 154 -7.85 17.26 -26.57
CA ASP A 154 -7.83 17.71 -28.00
C ASP A 154 -9.00 17.21 -28.81
N SER A 155 -9.80 16.31 -28.28
CA SER A 155 -10.90 15.73 -29.06
C SER A 155 -12.18 16.55 -28.95
N VAL A 156 -12.20 17.49 -28.03
CA VAL A 156 -13.34 18.30 -27.84
C VAL A 156 -12.90 19.72 -27.80
N THR A 157 -13.82 20.66 -27.97
CA THR A 157 -13.55 22.06 -27.67
C THR A 157 -14.08 22.45 -26.33
N LEU A 158 -14.71 21.54 -25.64
CA LEU A 158 -15.23 21.75 -24.29
C LEU A 158 -14.17 21.84 -23.22
N PRO A 159 -14.51 22.43 -22.09
CA PRO A 159 -13.60 22.29 -20.97
C PRO A 159 -13.60 20.88 -20.36
N VAL A 160 -12.43 20.51 -19.87
CA VAL A 160 -12.17 19.23 -19.27
C VAL A 160 -11.76 19.35 -17.78
N MET A 161 -12.54 18.68 -16.92
CA MET A 161 -12.21 18.47 -15.54
C MET A 161 -11.59 17.10 -15.44
N LEU A 162 -10.45 17.02 -14.82
CA LEU A 162 -9.80 15.77 -14.41
C LEU A 162 -10.52 15.16 -13.17
N TYR A 163 -10.33 13.88 -12.99
CA TYR A 163 -10.98 13.18 -11.90
C TYR A 163 -9.96 12.31 -11.24
N ASN A 164 -9.63 12.62 -9.99
CA ASN A 164 -8.70 11.80 -9.25
C ASN A 164 -9.45 11.03 -8.19
N PHE A 165 -9.34 9.69 -8.18
CA PHE A 165 -9.95 8.82 -7.17
C PHE A 165 -8.98 7.66 -6.88
N PRO A 166 -7.85 7.97 -6.23
CA PRO A 166 -6.84 6.93 -6.15
C PRO A 166 -7.23 5.69 -5.39
N ALA A 167 -8.06 5.84 -4.39
CA ALA A 167 -8.53 4.60 -3.68
C ALA A 167 -9.08 3.59 -4.68
N LEU A 168 -9.72 4.08 -5.73
CA LEU A 168 -10.28 3.14 -6.72
C LEU A 168 -9.38 2.88 -7.94
N THR A 169 -8.71 3.92 -8.40
CA THR A 169 -7.83 3.81 -9.59
C THR A 169 -6.49 3.14 -9.35
N GLY A 170 -5.98 3.20 -8.13
CA GLY A 170 -4.64 2.64 -7.84
C GLY A 170 -3.56 3.54 -8.41
N GLN A 171 -3.90 4.73 -8.82
CA GLN A 171 -2.87 5.62 -9.40
C GLN A 171 -3.23 7.07 -9.17
N ASP A 172 -2.40 7.73 -8.38
CA ASP A 172 -2.70 9.10 -7.98
C ASP A 172 -2.37 10.09 -9.08
N LEU A 173 -3.27 11.07 -9.29
CA LEU A 173 -2.95 12.23 -10.12
C LEU A 173 -2.34 13.22 -9.15
N THR A 174 -1.03 13.32 -9.15
CA THR A 174 -0.34 14.12 -8.18
C THR A 174 -0.51 15.57 -8.57
N PRO A 175 -0.38 16.47 -7.61
CA PRO A 175 -0.41 17.91 -7.97
C PRO A 175 0.61 18.29 -9.10
N ALA A 176 1.81 17.72 -9.06
CA ALA A 176 2.82 17.97 -10.13
C ALA A 176 2.31 17.52 -11.49
N LEU A 177 1.77 16.31 -11.59
CA LEU A 177 1.21 15.82 -12.84
C LEU A 177 0.02 16.67 -13.35
N VAL A 178 -0.86 17.07 -12.44
CA VAL A 178 -2.02 17.88 -12.77
C VAL A 178 -1.50 19.25 -13.26
N LYS A 179 -0.47 19.75 -12.61
CA LYS A 179 0.12 21.01 -13.10
C LYS A 179 0.65 20.88 -14.51
N THR A 180 1.40 19.81 -14.75
CA THR A 180 1.91 19.51 -16.07
C THR A 180 0.74 19.45 -17.09
N LEU A 181 -0.38 18.83 -16.70
CA LEU A 181 -1.56 18.78 -17.64
C LEU A 181 -2.16 20.16 -17.89
N ALA A 182 -2.32 20.95 -16.83
CA ALA A 182 -2.85 22.31 -16.97
C ALA A 182 -1.89 23.22 -17.80
N ASP A 183 -0.61 22.95 -17.72
CA ASP A 183 0.42 23.70 -18.42
C ASP A 183 0.37 23.32 -19.87
N SER A 184 0.01 22.06 -20.15
CA SER A 184 -0.01 21.57 -21.51
C SER A 184 -1.25 21.93 -22.31
N ARG A 185 -2.42 21.94 -21.68
CA ARG A 185 -3.66 22.20 -22.43
C ARG A 185 -4.56 23.20 -21.74
N SER A 186 -4.92 24.28 -22.46
CA SER A 186 -5.68 25.36 -21.84
C SER A 186 -7.12 24.96 -21.58
N ASN A 187 -7.63 23.87 -22.17
CA ASN A 187 -8.95 23.38 -21.76
C ASN A 187 -8.99 22.36 -20.62
N ILE A 188 -7.84 22.03 -20.04
CA ILE A 188 -7.85 21.19 -18.86
C ILE A 188 -7.92 22.20 -17.74
N ILE A 189 -9.09 22.31 -17.13
CA ILE A 189 -9.39 23.52 -16.33
C ILE A 189 -9.78 23.30 -14.89
N GLY A 190 -9.74 22.03 -14.50
CA GLY A 190 -10.00 21.70 -13.10
C GLY A 190 -9.84 20.22 -12.78
N ILE A 191 -10.10 19.93 -11.49
CA ILE A 191 -10.02 18.60 -10.97
C ILE A 191 -11.06 18.37 -9.87
N LYS A 192 -11.63 17.17 -9.89
CA LYS A 192 -12.36 16.56 -8.75
C LYS A 192 -11.41 15.65 -8.03
N ASP A 193 -11.01 16.07 -6.85
CA ASP A 193 -9.92 15.41 -6.10
C ASP A 193 -10.61 14.65 -4.99
N THR A 194 -10.80 13.38 -5.25
CA THR A 194 -11.55 12.53 -4.38
C THR A 194 -10.58 11.75 -3.53
N ILE A 195 -10.25 12.33 -2.40
CA ILE A 195 -9.27 11.69 -1.50
C ILE A 195 -9.51 12.23 -0.07
N ASP A 196 -9.37 11.36 0.92
CA ASP A 196 -9.52 11.81 2.30
C ASP A 196 -8.12 12.26 2.78
N SER A 197 -7.71 13.43 2.30
CA SER A 197 -6.36 13.91 2.56
C SER A 197 -6.36 15.45 2.44
N VAL A 198 -6.16 16.12 3.58
CA VAL A 198 -6.01 17.54 3.58
C VAL A 198 -4.72 17.96 2.85
N ALA A 199 -3.64 17.17 3.01
CA ALA A 199 -2.35 17.44 2.36
C ALA A 199 -2.50 17.41 0.85
N HIS A 200 -3.26 16.44 0.33
CA HIS A 200 -3.39 16.36 -1.13
C HIS A 200 -4.11 17.58 -1.67
N LEU A 201 -5.19 17.95 -1.00
CA LEU A 201 -5.99 19.07 -1.43
C LEU A 201 -5.20 20.38 -1.34
N ARG A 202 -4.46 20.52 -0.23
CA ARG A 202 -3.64 21.69 -0.04
C ARG A 202 -2.57 21.82 -1.14
N SER A 203 -1.92 20.73 -1.43
CA SER A 203 -0.84 20.76 -2.38
C SER A 203 -1.42 20.96 -3.80
N MET A 204 -2.57 20.36 -4.06
CA MET A 204 -3.23 20.51 -5.36
C MET A 204 -3.50 22.00 -5.65
N ILE A 205 -4.04 22.64 -4.64
CA ILE A 205 -4.38 24.04 -4.67
C ILE A 205 -3.11 24.90 -4.82
N HIS A 206 -2.12 24.71 -3.96
CA HIS A 206 -0.83 25.46 -4.06
C HIS A 206 -0.05 25.24 -5.37
N THR A 207 0.12 24.00 -5.75
CA THR A 207 0.94 23.66 -6.93
C THR A 207 0.16 24.08 -8.19
N VAL A 208 -1.12 23.73 -8.30
CA VAL A 208 -1.82 23.99 -9.57
C VAL A 208 -2.40 25.42 -9.65
N LYS A 209 -3.12 25.81 -8.62
CA LYS A 209 -3.76 27.14 -8.66
C LYS A 209 -2.74 28.23 -8.56
N GLY A 210 -1.65 27.95 -7.84
CA GLY A 210 -0.46 28.81 -7.88
C GLY A 210 0.00 29.12 -9.30
N ALA A 211 0.05 28.11 -10.16
CA ALA A 211 0.46 28.34 -11.52
C ALA A 211 -0.72 28.79 -12.36
N HIS A 212 -1.94 28.47 -11.96
CA HIS A 212 -3.13 28.69 -12.83
C HIS A 212 -4.23 29.15 -11.91
N PRO A 213 -4.32 30.43 -11.64
CA PRO A 213 -5.21 30.92 -10.55
C PRO A 213 -6.66 30.59 -10.77
N HIS A 214 -7.05 30.42 -12.00
CA HIS A 214 -8.44 30.15 -12.30
C HIS A 214 -8.74 28.63 -12.50
N PHE A 215 -7.73 27.77 -12.34
CA PHE A 215 -7.92 26.30 -12.38
C PHE A 215 -8.83 25.93 -11.21
N THR A 216 -9.82 25.12 -11.48
CA THR A 216 -10.80 24.81 -10.43
C THR A 216 -10.44 23.53 -9.62
N VAL A 217 -10.44 23.63 -8.30
CA VAL A 217 -10.23 22.50 -7.44
C VAL A 217 -11.50 22.22 -6.64
N LEU A 218 -12.05 21.03 -6.86
CA LEU A 218 -13.20 20.59 -6.11
C LEU A 218 -12.84 19.31 -5.38
N CYS A 219 -13.21 19.22 -4.10
CA CYS A 219 -13.03 17.98 -3.40
C CYS A 219 -14.16 17.07 -3.75
N GLY A 220 -13.93 15.77 -3.59
CA GLY A 220 -14.89 14.76 -3.87
C GLY A 220 -15.63 14.17 -2.68
N TYR A 221 -15.22 14.57 -1.48
CA TYR A 221 -15.82 14.10 -0.27
C TYR A 221 -16.49 15.19 0.52
N ASP A 222 -17.67 14.90 1.08
CA ASP A 222 -18.52 15.82 1.84
C ASP A 222 -17.74 16.54 2.93
N ASP A 223 -16.95 15.77 3.66
CA ASP A 223 -16.28 16.26 4.84
C ASP A 223 -15.05 17.08 4.60
N HIS A 224 -14.72 17.34 3.35
CA HIS A 224 -13.60 18.22 3.02
C HIS A 224 -13.95 19.55 2.35
N LEU A 225 -15.24 19.80 2.16
CA LEU A 225 -15.71 21.03 1.47
C LEU A 225 -15.23 22.25 2.25
N PHE A 226 -15.48 22.27 3.55
CA PHE A 226 -15.11 23.49 4.35
C PHE A 226 -13.62 23.74 4.20
N ASN A 227 -12.83 22.71 4.48
CA ASN A 227 -11.36 22.84 4.34
C ASN A 227 -10.90 23.24 2.94
N THR A 228 -11.54 22.66 1.94
CA THR A 228 -11.28 23.03 0.55
C THR A 228 -11.47 24.53 0.32
N LEU A 229 -12.58 25.06 0.82
CA LEU A 229 -12.85 26.51 0.70
C LEU A 229 -11.83 27.32 1.51
N LEU A 230 -11.55 26.90 2.74
CA LEU A 230 -10.55 27.62 3.50
C LEU A 230 -9.10 27.64 2.90
N LEU A 231 -8.77 26.55 2.23
CA LEU A 231 -7.46 26.40 1.58
C LEU A 231 -7.32 27.21 0.28
N GLY A 232 -8.38 27.82 -0.23
CA GLY A 232 -8.30 28.54 -1.52
C GLY A 232 -8.86 27.77 -2.68
N GLY A 233 -9.56 26.66 -2.39
CA GLY A 233 -10.17 25.85 -3.43
C GLY A 233 -11.57 26.33 -3.72
N ASP A 234 -12.31 25.56 -4.52
CA ASP A 234 -13.51 26.07 -5.16
C ASP A 234 -14.88 25.45 -4.81
N GLY A 235 -14.91 24.34 -4.08
CA GLY A 235 -16.19 23.65 -3.88
C GLY A 235 -16.04 22.15 -3.84
N ALA A 236 -17.16 21.46 -4.07
CA ALA A 236 -17.27 20.02 -3.92
C ALA A 236 -18.22 19.36 -4.90
N ILE A 237 -17.79 18.19 -5.34
CA ILE A 237 -18.62 17.25 -6.03
C ILE A 237 -18.71 16.12 -5.07
N SER A 238 -19.77 16.03 -4.27
CA SER A 238 -19.82 14.93 -3.25
C SER A 238 -21.22 14.35 -3.11
N ALA A 239 -21.27 13.12 -2.61
CA ALA A 239 -22.49 12.31 -2.71
C ALA A 239 -23.70 12.93 -1.98
N SER A 240 -23.47 13.63 -0.89
CA SER A 240 -24.62 14.19 -0.11
C SER A 240 -25.33 15.32 -0.83
N GLY A 241 -24.68 15.80 -1.87
CA GLY A 241 -25.37 16.62 -2.84
C GLY A 241 -26.71 16.05 -3.29
N ASN A 242 -26.81 14.74 -3.37
CA ASN A 242 -28.03 14.08 -3.81
C ASN A 242 -29.21 14.16 -2.86
N PHE A 243 -28.98 13.98 -1.56
CA PHE A 243 -30.06 13.85 -0.61
C PHE A 243 -30.12 14.99 0.38
N ALA A 244 -29.06 15.76 0.47
CA ALA A 244 -29.00 16.91 1.34
C ALA A 244 -28.24 18.06 0.72
N PRO A 245 -28.64 18.44 -0.48
CA PRO A 245 -27.87 19.50 -1.17
C PRO A 245 -27.81 20.81 -0.42
N GLN A 246 -28.86 21.06 0.39
CA GLN A 246 -29.00 22.32 1.14
C GLN A 246 -27.85 22.52 2.11
N VAL A 247 -27.26 21.45 2.61
CA VAL A 247 -26.20 21.58 3.60
C VAL A 247 -25.01 22.21 2.92
N SER A 248 -24.66 21.68 1.75
CA SER A 248 -23.51 22.18 1.01
C SER A 248 -23.77 23.54 0.42
N VAL A 249 -24.98 23.74 -0.13
CA VAL A 249 -25.33 25.02 -0.78
C VAL A 249 -25.29 26.13 0.28
N ASN A 250 -25.89 25.84 1.42
CA ASN A 250 -25.86 26.75 2.58
C ASN A 250 -24.53 27.02 3.14
N LEU A 251 -23.70 26.00 3.16
CA LEU A 251 -22.34 26.21 3.62
C LEU A 251 -21.68 27.17 2.67
N LEU A 252 -21.81 26.94 1.38
CA LEU A 252 -21.07 27.77 0.43
C LEU A 252 -21.53 29.25 0.43
N LYS A 253 -22.86 29.42 0.53
CA LYS A 253 -23.48 30.77 0.65
C LYS A 253 -22.97 31.50 1.89
N ALA A 254 -22.94 30.80 3.02
CA ALA A 254 -22.44 31.34 4.25
C ALA A 254 -21.00 31.79 4.08
N TRP A 255 -20.18 30.91 3.50
CA TRP A 255 -18.78 31.23 3.30
C TRP A 255 -18.66 32.43 2.36
N ARG A 256 -19.32 32.40 1.23
CA ARG A 256 -19.22 33.49 0.28
C ARG A 256 -19.77 34.78 0.89
N ASP A 257 -20.73 34.65 1.81
CA ASP A 257 -21.31 35.81 2.52
C ASP A 257 -20.40 36.32 3.60
N GLY A 258 -19.47 35.52 4.07
CA GLY A 258 -18.55 35.96 5.12
C GLY A 258 -18.93 35.48 6.50
N ASP A 259 -20.02 34.76 6.58
CA ASP A 259 -20.46 34.23 7.86
C ASP A 259 -19.80 32.82 8.07
N VAL A 260 -18.55 32.84 8.52
CA VAL A 260 -17.75 31.65 8.72
C VAL A 260 -18.30 30.80 9.86
N ALA A 261 -18.80 31.40 10.92
CA ALA A 261 -19.43 30.61 11.97
C ALA A 261 -20.57 29.75 11.41
N LYS A 262 -21.38 30.31 10.55
CA LYS A 262 -22.53 29.58 10.02
C LYS A 262 -22.07 28.40 9.17
N ALA A 263 -21.12 28.69 8.28
CA ALA A 263 -20.46 27.70 7.42
C ALA A 263 -19.92 26.53 8.22
N ALA A 264 -19.25 26.84 9.34
CA ALA A 264 -18.70 25.81 10.22
C ALA A 264 -19.82 24.93 10.76
N GLY A 265 -20.97 25.54 11.03
CA GLY A 265 -22.15 24.78 11.49
C GLY A 265 -22.61 23.73 10.52
N TYR A 266 -22.85 24.14 9.30
CA TYR A 266 -23.08 23.18 8.21
C TYR A 266 -21.93 22.14 8.07
N HIS A 267 -20.68 22.59 8.19
CA HIS A 267 -19.55 21.67 8.11
C HIS A 267 -19.68 20.61 9.17
N GLN A 268 -20.20 20.98 10.32
CA GLN A 268 -20.30 19.97 11.36
C GLN A 268 -21.25 18.85 10.95
N THR A 269 -22.27 19.17 10.16
CA THR A 269 -23.11 18.09 9.65
C THR A 269 -22.42 17.27 8.57
N LEU A 270 -21.74 17.96 7.65
CA LEU A 270 -21.00 17.31 6.60
C LEU A 270 -19.93 16.38 7.15
N LEU A 271 -19.34 16.73 8.29
CA LEU A 271 -18.37 15.88 8.94
C LEU A 271 -18.98 14.56 9.36
N GLN A 272 -20.27 14.54 9.70
CA GLN A 272 -20.89 13.32 10.20
C GLN A 272 -21.51 12.45 9.14
N ILE A 273 -21.91 13.06 8.01
CA ILE A 273 -22.62 12.35 6.97
C ILE A 273 -21.93 11.05 6.48
N PRO A 274 -20.61 11.08 6.18
CA PRO A 274 -19.96 9.90 5.58
C PRO A 274 -19.96 8.60 6.42
N GLN A 275 -20.36 8.68 7.67
CA GLN A 275 -20.67 7.51 8.45
C GLN A 275 -21.49 6.53 7.62
N MET A 276 -22.49 7.05 6.94
CA MET A 276 -23.49 6.20 6.28
C MET A 276 -22.92 5.38 5.14
N TYR A 277 -21.88 5.89 4.50
CA TYR A 277 -21.30 5.23 3.34
C TYR A 277 -20.54 3.95 3.70
N GLN A 278 -20.31 3.74 5.01
CA GLN A 278 -19.75 2.48 5.56
C GLN A 278 -20.78 1.34 5.49
N LEU A 279 -22.06 1.66 5.27
CA LEU A 279 -23.09 0.62 5.34
C LEU A 279 -22.97 -0.41 4.20
N ASP A 280 -22.38 -0.04 3.07
CA ASP A 280 -22.14 -1.01 2.01
C ASP A 280 -21.05 -0.54 1.03
N THR A 281 -20.49 -1.50 0.30
CA THR A 281 -19.53 -1.24 -0.77
C THR A 281 -19.88 -2.02 -2.04
N PRO A 282 -20.17 -1.32 -3.13
CA PRO A 282 -20.32 0.15 -3.33
C PRO A 282 -21.48 0.74 -2.47
N PHE A 283 -21.46 2.05 -2.30
CA PHE A 283 -22.50 2.66 -1.46
C PHE A 283 -23.47 3.55 -2.24
N VAL A 284 -23.54 3.32 -3.53
CA VAL A 284 -24.51 3.98 -4.40
C VAL A 284 -25.98 3.60 -3.99
N ASN A 285 -26.16 2.39 -3.51
CA ASN A 285 -27.41 2.00 -2.86
C ASN A 285 -27.81 2.88 -1.66
N VAL A 286 -26.85 3.14 -0.75
CA VAL A 286 -27.05 4.01 0.40
C VAL A 286 -27.49 5.41 0.00
N ILE A 287 -26.85 5.92 -1.02
CA ILE A 287 -27.15 7.25 -1.47
C ILE A 287 -28.62 7.33 -1.96
N LYS A 288 -29.05 6.39 -2.81
CA LYS A 288 -30.42 6.40 -3.32
C LYS A 288 -31.43 6.17 -2.19
N GLU A 289 -31.11 5.31 -1.23
CA GLU A 289 -32.04 5.09 -0.10
C GLU A 289 -32.14 6.36 0.73
N ALA A 290 -31.07 7.16 0.73
CA ALA A 290 -31.05 8.40 1.48
C ALA A 290 -31.89 9.46 0.77
N ILE A 291 -31.81 9.47 -0.56
CA ILE A 291 -32.70 10.36 -1.36
C ILE A 291 -34.18 10.03 -1.00
N VAL A 292 -34.53 8.74 -0.95
CA VAL A 292 -35.91 8.33 -0.54
C VAL A 292 -36.25 8.81 0.86
N LEU A 293 -35.41 8.46 1.82
CA LEU A 293 -35.64 8.91 3.19
C LEU A 293 -35.69 10.45 3.39
N CYS A 294 -35.04 11.24 2.56
CA CYS A 294 -35.10 12.69 2.72
C CYS A 294 -36.24 13.34 1.94
N GLY A 295 -37.17 12.53 1.43
CA GLY A 295 -38.43 13.02 0.88
C GLY A 295 -38.64 12.85 -0.60
N ARG A 296 -37.72 12.25 -1.34
CA ARG A 296 -37.91 12.08 -2.78
C ARG A 296 -38.03 10.59 -3.17
N PRO A 297 -39.24 10.11 -3.42
CA PRO A 297 -39.42 8.68 -3.63
C PRO A 297 -39.01 8.28 -5.04
N VAL A 298 -37.75 7.95 -5.23
CA VAL A 298 -37.22 7.53 -6.52
C VAL A 298 -37.02 6.09 -6.22
N SER A 299 -36.98 5.27 -7.21
CA SER A 299 -36.57 3.93 -7.27
C SER A 299 -35.07 3.85 -6.87
N THR A 300 -34.74 2.84 -6.08
CA THR A 300 -33.39 2.72 -5.53
C THR A 300 -32.59 1.60 -6.14
N HIS A 301 -33.09 1.00 -7.22
CA HIS A 301 -32.36 -0.01 -7.92
C HIS A 301 -30.91 0.50 -8.30
N VAL A 302 -29.95 -0.42 -8.17
CA VAL A 302 -28.52 -0.21 -8.48
C VAL A 302 -28.11 -1.38 -9.39
N LEU A 303 -27.17 -1.10 -10.29
CA LEU A 303 -26.68 -2.04 -11.24
C LEU A 303 -25.65 -2.97 -10.62
N PRO A 304 -25.64 -4.25 -11.04
CA PRO A 304 -24.63 -5.14 -10.52
C PRO A 304 -23.26 -4.66 -10.96
N PRO A 305 -22.23 -4.92 -10.17
CA PRO A 305 -22.24 -5.75 -8.97
C PRO A 305 -22.64 -5.13 -7.65
N ALA A 306 -23.10 -3.86 -7.65
CA ALA A 306 -23.80 -3.35 -6.46
C ALA A 306 -25.10 -4.16 -6.21
N SER A 307 -25.66 -4.10 -5.01
CA SER A 307 -26.90 -4.81 -4.71
C SER A 307 -27.75 -4.00 -3.72
N PRO A 308 -29.04 -4.35 -3.55
CA PRO A 308 -29.95 -3.60 -2.70
C PRO A 308 -29.46 -3.53 -1.25
N LEU A 309 -29.63 -2.40 -0.60
CA LEU A 309 -29.30 -2.31 0.82
C LEU A 309 -30.35 -3.06 1.61
N ASP A 310 -29.97 -3.84 2.60
CA ASP A 310 -30.93 -4.72 3.26
C ASP A 310 -31.70 -3.85 4.29
N GLU A 311 -32.84 -4.36 4.79
CA GLU A 311 -33.68 -3.64 5.75
C GLU A 311 -33.01 -3.22 7.08
N PRO A 312 -32.19 -4.09 7.70
CA PRO A 312 -31.54 -3.55 8.93
C PRO A 312 -30.74 -2.30 8.65
N ARG A 313 -29.92 -2.33 7.60
CA ARG A 313 -29.12 -1.17 7.27
C ARG A 313 -29.89 0.04 6.78
N LYS A 314 -30.99 -0.20 6.07
CA LYS A 314 -31.91 0.89 5.77
C LYS A 314 -32.35 1.59 7.09
N ALA A 315 -32.76 0.81 8.08
CA ALA A 315 -33.15 1.35 9.38
C ALA A 315 -32.03 2.11 10.10
N GLN A 316 -30.79 1.59 10.06
CA GLN A 316 -29.62 2.37 10.57
C GLN A 316 -29.42 3.69 9.82
N LEU A 317 -29.58 3.64 8.49
CA LEU A 317 -29.44 4.84 7.68
C LEU A 317 -30.52 5.83 8.13
N LYS A 318 -31.77 5.38 8.25
CA LYS A 318 -32.83 6.28 8.65
C LYS A 318 -32.50 6.93 9.99
N THR A 319 -32.03 6.13 10.92
CA THR A 319 -31.68 6.61 12.24
C THR A 319 -30.58 7.67 12.16
N LEU A 320 -29.56 7.39 11.39
CA LEU A 320 -28.53 8.41 11.19
C LEU A 320 -29.04 9.75 10.60
N LEU A 321 -29.82 9.70 9.54
CA LEU A 321 -30.40 10.89 8.94
C LEU A 321 -31.29 11.68 9.91
N GLN A 322 -32.02 10.95 10.74
CA GLN A 322 -32.81 11.57 11.82
C GLN A 322 -31.88 12.26 12.77
N GLN A 323 -30.89 11.54 13.29
CA GLN A 323 -29.95 12.16 14.26
C GLN A 323 -29.32 13.42 13.71
N LEU A 324 -29.06 13.50 12.42
CA LEU A 324 -28.42 14.65 11.82
C LEU A 324 -29.41 15.75 11.35
N LYS A 325 -30.70 15.49 11.51
CA LYS A 325 -31.75 16.45 11.16
C LYS A 325 -31.88 16.66 9.67
N LEU A 326 -31.77 15.57 8.91
CA LEU A 326 -31.89 15.60 7.46
C LEU A 326 -33.18 14.94 6.96
N CYS A 327 -33.96 14.39 7.87
CA CYS A 327 -35.29 13.92 7.53
C CYS A 327 -36.19 13.92 8.75
N ALA B 30 -8.84 -32.39 -14.01
CA ALA B 30 -8.52 -30.91 -13.97
C ALA B 30 -8.51 -30.32 -15.35
N LEU B 31 -9.21 -29.21 -15.51
CA LEU B 31 -9.38 -28.56 -16.79
C LEU B 31 -8.45 -27.41 -17.03
N PHE B 32 -8.15 -27.17 -18.28
CA PHE B 32 -7.29 -26.04 -18.68
C PHE B 32 -5.95 -26.03 -17.97
N THR B 33 -5.37 -27.22 -17.83
CA THR B 33 -4.00 -27.33 -17.38
C THR B 33 -2.94 -27.13 -18.48
N GLY B 34 -1.68 -26.89 -18.05
CA GLY B 34 -0.59 -26.79 -18.93
C GLY B 34 -0.29 -25.40 -19.39
N ILE B 35 0.17 -25.24 -20.63
CA ILE B 35 0.52 -23.94 -21.19
C ILE B 35 -0.55 -23.35 -22.09
N ILE B 36 -1.16 -22.24 -21.64
CA ILE B 36 -2.28 -21.59 -22.31
C ILE B 36 -1.93 -20.11 -22.47
N PRO B 37 -1.39 -19.75 -23.61
CA PRO B 37 -1.03 -18.34 -23.79
C PRO B 37 -2.20 -17.35 -23.72
N PRO B 38 -1.95 -16.15 -23.12
CA PRO B 38 -2.85 -15.04 -23.28
C PRO B 38 -2.52 -14.37 -24.62
N VAL B 39 -3.31 -14.76 -25.63
CA VAL B 39 -2.98 -14.46 -27.00
C VAL B 39 -3.13 -12.97 -27.26
N SER B 40 -2.15 -12.38 -27.95
CA SER B 40 -2.31 -10.99 -28.34
C SER B 40 -3.39 -10.91 -29.43
N THR B 41 -4.18 -9.84 -29.40
CA THR B 41 -5.07 -9.55 -30.49
C THR B 41 -4.31 -8.70 -31.49
N ILE B 42 -4.20 -9.13 -32.76
CA ILE B 42 -3.47 -8.33 -33.74
C ILE B 42 -4.42 -7.32 -34.40
N PHE B 43 -4.01 -6.05 -34.42
CA PHE B 43 -4.79 -4.96 -35.01
C PHE B 43 -4.05 -4.37 -36.17
N THR B 44 -4.82 -3.84 -37.12
CA THR B 44 -4.24 -3.16 -38.26
C THR B 44 -3.75 -1.81 -37.82
N ALA B 45 -3.03 -1.15 -38.74
CA ALA B 45 -2.51 0.20 -38.53
C ALA B 45 -3.68 1.11 -38.29
N ASP B 46 -4.84 0.83 -38.90
CA ASP B 46 -6.06 1.68 -38.68
C ASP B 46 -6.96 1.16 -37.58
N GLY B 47 -6.39 0.38 -36.65
CA GLY B 47 -7.09 -0.08 -35.47
C GLY B 47 -8.20 -1.14 -35.61
N GLN B 48 -8.22 -1.87 -36.72
CA GLN B 48 -9.21 -2.94 -36.90
C GLN B 48 -8.58 -4.28 -36.51
N LEU B 49 -9.41 -5.24 -36.17
CA LEU B 49 -8.97 -6.60 -35.95
C LEU B 49 -8.28 -7.01 -37.22
N ASP B 50 -7.05 -7.48 -37.06
CA ASP B 50 -6.25 -7.97 -38.16
C ASP B 50 -6.42 -9.50 -38.19
N LYS B 51 -7.29 -9.95 -39.05
CA LYS B 51 -7.68 -11.35 -39.05
C LYS B 51 -6.56 -12.25 -39.57
N PRO B 52 -5.97 -11.93 -40.73
CA PRO B 52 -4.80 -12.74 -41.14
C PRO B 52 -3.68 -12.84 -40.09
N GLY B 53 -3.31 -11.71 -39.48
CA GLY B 53 -2.19 -11.74 -38.47
C GLY B 53 -2.61 -12.44 -37.18
N THR B 54 -3.80 -12.18 -36.67
CA THR B 54 -4.25 -12.94 -35.48
C THR B 54 -4.30 -14.42 -35.83
N ALA B 55 -4.77 -14.77 -37.05
CA ALA B 55 -4.91 -16.19 -37.39
C ALA B 55 -3.57 -16.87 -37.49
N ALA B 56 -2.59 -16.20 -38.14
CA ALA B 56 -1.20 -16.74 -38.18
C ALA B 56 -0.62 -17.01 -36.78
N LEU B 57 -0.87 -16.06 -35.87
CA LEU B 57 -0.33 -16.21 -34.48
C LEU B 57 -0.97 -17.38 -33.84
N ILE B 58 -2.28 -17.44 -33.94
CA ILE B 58 -2.95 -18.61 -33.41
C ILE B 58 -2.34 -19.90 -33.99
N ASP B 59 -2.18 -19.98 -35.31
CA ASP B 59 -1.60 -21.24 -35.90
C ASP B 59 -0.18 -21.55 -35.38
N ASP B 60 0.68 -20.52 -35.28
CA ASP B 60 2.02 -20.68 -34.69
C ASP B 60 1.97 -21.30 -33.30
N LEU B 61 1.06 -20.79 -32.50
CA LEU B 61 0.97 -21.24 -31.10
C LEU B 61 0.48 -22.68 -31.01
N ILE B 62 -0.56 -23.02 -31.81
CA ILE B 62 -1.01 -24.45 -31.86
C ILE B 62 0.12 -25.35 -32.34
N LYS B 63 0.84 -24.95 -33.37
CA LYS B 63 1.99 -25.75 -33.91
C LYS B 63 3.05 -25.91 -32.82
N ALA B 64 3.17 -24.91 -31.93
CA ALA B 64 4.20 -24.98 -30.87
C ALA B 64 3.79 -25.92 -29.78
N GLY B 65 2.56 -26.39 -29.81
CA GLY B 65 2.19 -27.44 -28.89
C GLY B 65 1.57 -26.99 -27.60
N VAL B 66 0.96 -25.78 -27.60
CA VAL B 66 0.31 -25.26 -26.38
C VAL B 66 -0.96 -26.06 -26.05
N ASP B 67 -1.36 -26.03 -24.79
CA ASP B 67 -2.53 -26.86 -24.32
C ASP B 67 -3.86 -26.15 -24.43
N GLY B 68 -3.86 -24.90 -24.90
CA GLY B 68 -5.06 -24.16 -25.07
C GLY B 68 -4.69 -22.73 -25.41
N LEU B 69 -5.71 -21.93 -25.70
CA LEU B 69 -5.50 -20.53 -26.01
C LEU B 69 -6.53 -19.63 -25.30
N PHE B 70 -6.02 -18.52 -24.79
CA PHE B 70 -6.79 -17.57 -24.00
C PHE B 70 -6.90 -16.26 -24.73
N PHE B 71 -8.07 -15.95 -25.20
CA PHE B 71 -8.23 -14.65 -25.86
C PHE B 71 -8.91 -13.64 -24.95
N LEU B 72 -8.53 -12.39 -25.18
CA LEU B 72 -9.12 -11.27 -24.48
C LEU B 72 -8.79 -11.31 -22.98
N GLY B 73 -7.58 -11.76 -22.67
CA GLY B 73 -6.94 -11.43 -21.38
C GLY B 73 -6.35 -10.04 -21.36
N SER B 74 -5.57 -9.75 -20.34
CA SER B 74 -4.96 -8.41 -20.17
C SER B 74 -4.12 -8.15 -21.38
N GLY B 75 -3.28 -9.11 -21.64
CA GLY B 75 -2.38 -9.03 -22.84
C GLY B 75 -3.13 -8.93 -24.20
N GLY B 76 -4.36 -9.44 -24.24
CA GLY B 76 -5.25 -9.40 -25.43
C GLY B 76 -6.02 -8.12 -25.57
N GLU B 77 -5.78 -7.20 -24.61
CA GLU B 77 -6.29 -5.81 -24.60
C GLU B 77 -7.81 -5.70 -24.37
N PHE B 78 -8.40 -6.61 -23.54
CA PHE B 78 -9.83 -6.57 -23.31
C PHE B 78 -10.26 -5.20 -22.83
N SER B 79 -9.44 -4.60 -21.98
CA SER B 79 -9.83 -3.40 -21.30
C SER B 79 -9.82 -2.17 -22.17
N GLN B 80 -9.23 -2.26 -23.34
CA GLN B 80 -9.28 -1.16 -24.30
C GLN B 80 -10.26 -1.39 -25.48
N LEU B 81 -11.08 -2.43 -25.39
CA LEU B 81 -12.04 -2.85 -26.43
C LEU B 81 -13.48 -2.69 -25.94
N GLY B 82 -14.38 -2.29 -26.83
CA GLY B 82 -15.81 -2.24 -26.55
C GLY B 82 -16.41 -3.62 -26.64
N ALA B 83 -17.56 -3.77 -26.05
CA ALA B 83 -18.22 -5.03 -25.97
C ALA B 83 -18.45 -5.69 -27.33
N GLU B 84 -18.97 -4.97 -28.31
CA GLU B 84 -19.22 -5.57 -29.64
C GLU B 84 -17.91 -5.97 -30.30
N GLU B 85 -16.91 -5.13 -30.14
CA GLU B 85 -15.54 -5.52 -30.57
C GLU B 85 -15.07 -6.82 -29.98
N ARG B 86 -15.25 -6.99 -28.65
CA ARG B 86 -14.86 -8.25 -27.98
C ARG B 86 -15.61 -9.48 -28.51
N LYS B 87 -16.90 -9.31 -28.76
CA LYS B 87 -17.71 -10.42 -29.31
C LYS B 87 -17.18 -10.84 -30.65
N ALA B 88 -16.85 -9.84 -31.49
CA ALA B 88 -16.39 -10.06 -32.87
C ALA B 88 -15.06 -10.78 -32.78
N ILE B 89 -14.20 -10.32 -31.86
CA ILE B 89 -12.89 -10.96 -31.72
C ILE B 89 -13.02 -12.40 -31.30
N ALA B 90 -13.81 -12.62 -30.26
CA ALA B 90 -13.99 -13.95 -29.70
C ALA B 90 -14.55 -14.93 -30.73
N ARG B 91 -15.58 -14.50 -31.44
CA ARG B 91 -16.17 -15.38 -32.49
C ARG B 91 -15.14 -15.78 -33.55
N PHE B 92 -14.47 -14.78 -34.10
CA PHE B 92 -13.37 -15.04 -35.02
C PHE B 92 -12.35 -16.00 -34.46
N ALA B 93 -11.88 -15.73 -33.24
CA ALA B 93 -10.82 -16.58 -32.65
C ALA B 93 -11.31 -17.99 -32.40
N ILE B 94 -12.51 -18.13 -31.86
CA ILE B 94 -13.08 -19.51 -31.66
C ILE B 94 -13.16 -20.27 -33.01
N ASP B 95 -13.71 -19.58 -34.01
CA ASP B 95 -13.94 -20.15 -35.34
C ASP B 95 -12.64 -20.51 -36.00
N HIS B 96 -11.63 -19.66 -35.83
CA HIS B 96 -10.31 -19.99 -36.41
C HIS B 96 -9.60 -21.15 -35.77
N VAL B 97 -9.59 -21.18 -34.44
CA VAL B 97 -9.10 -22.34 -33.72
C VAL B 97 -9.82 -23.67 -34.14
N ASP B 98 -11.12 -23.60 -34.35
CA ASP B 98 -11.84 -24.76 -34.91
C ASP B 98 -11.65 -26.02 -34.06
N ARG B 99 -11.76 -25.84 -32.72
CA ARG B 99 -11.59 -26.91 -31.76
C ARG B 99 -10.25 -27.62 -31.75
N ARG B 100 -9.20 -27.08 -32.38
CA ARG B 100 -7.90 -27.79 -32.33
C ARG B 100 -7.28 -27.92 -30.92
N VAL B 101 -7.50 -26.90 -30.10
CA VAL B 101 -7.13 -26.90 -28.68
C VAL B 101 -8.24 -26.21 -27.91
N PRO B 102 -8.34 -26.36 -26.57
CA PRO B 102 -9.30 -25.62 -25.77
C PRO B 102 -9.19 -24.12 -25.88
N VAL B 103 -10.33 -23.43 -25.99
CA VAL B 103 -10.33 -21.98 -26.06
C VAL B 103 -11.01 -21.41 -24.81
N LEU B 104 -10.31 -20.45 -24.18
CA LEU B 104 -10.84 -19.57 -23.12
C LEU B 104 -11.02 -18.18 -23.68
N ILE B 105 -12.11 -17.58 -23.28
CA ILE B 105 -12.46 -16.21 -23.54
C ILE B 105 -12.56 -15.44 -22.20
N GLY B 106 -11.84 -14.30 -22.16
CA GLY B 106 -11.93 -13.27 -21.13
C GLY B 106 -13.10 -12.37 -21.26
N THR B 107 -14.04 -12.42 -20.29
CA THR B 107 -15.33 -11.78 -20.47
C THR B 107 -15.55 -10.73 -19.35
N GLY B 108 -14.54 -10.52 -18.54
CA GLY B 108 -14.70 -9.58 -17.40
C GLY B 108 -14.52 -8.13 -17.69
N GLY B 109 -14.72 -7.36 -16.65
CA GLY B 109 -14.66 -5.92 -16.66
C GLY B 109 -15.36 -5.43 -15.39
N THR B 110 -15.85 -4.20 -15.44
CA THR B 110 -16.63 -3.59 -14.33
C THR B 110 -18.15 -3.71 -14.46
N ASN B 111 -18.60 -3.74 -15.71
CA ASN B 111 -20.03 -3.74 -15.98
C ASN B 111 -20.49 -5.22 -15.90
N ALA B 112 -21.11 -5.58 -14.79
CA ALA B 112 -21.49 -6.96 -14.53
C ALA B 112 -22.51 -7.51 -15.52
N ARG B 113 -23.41 -6.67 -15.97
CA ARG B 113 -24.38 -7.08 -17.04
C ARG B 113 -23.68 -7.43 -18.33
N GLU B 114 -22.65 -6.67 -18.65
CA GLU B 114 -21.83 -6.96 -19.81
C GLU B 114 -21.01 -8.22 -19.64
N THR B 115 -20.46 -8.47 -18.45
CA THR B 115 -19.82 -9.73 -18.23
C THR B 115 -20.76 -10.93 -18.57
N ILE B 116 -22.00 -10.86 -18.10
CA ILE B 116 -22.93 -11.96 -18.38
C ILE B 116 -23.19 -12.10 -19.90
N GLU B 117 -23.45 -10.96 -20.54
CA GLU B 117 -23.65 -10.92 -22.01
C GLU B 117 -22.48 -11.54 -22.75
N LEU B 118 -21.27 -11.08 -22.41
CA LEU B 118 -20.06 -11.54 -23.05
C LEU B 118 -19.85 -13.01 -22.79
N SER B 119 -20.13 -13.45 -21.58
CA SER B 119 -19.97 -14.86 -21.25
C SER B 119 -21.00 -15.79 -21.92
N GLN B 120 -22.26 -15.38 -21.93
CA GLN B 120 -23.29 -16.10 -22.73
C GLN B 120 -22.96 -16.11 -24.22
N HIS B 121 -22.50 -14.98 -24.75
CA HIS B 121 -22.05 -14.93 -26.12
C HIS B 121 -20.90 -15.93 -26.39
N ALA B 122 -19.94 -16.00 -25.44
CA ALA B 122 -18.85 -16.96 -25.61
C ALA B 122 -19.31 -18.42 -25.67
N GLN B 123 -20.26 -18.75 -24.82
CA GLN B 123 -20.82 -20.11 -24.81
C GLN B 123 -21.53 -20.35 -26.14
N GLN B 124 -22.38 -19.42 -26.55
CA GLN B 124 -23.09 -19.50 -27.83
C GLN B 124 -22.12 -19.62 -28.98
N ALA B 125 -21.03 -18.87 -28.97
CA ALA B 125 -20.06 -18.93 -30.09
C ALA B 125 -19.22 -20.17 -30.07
N GLY B 126 -19.28 -20.94 -29.00
CA GLY B 126 -18.51 -22.19 -29.03
C GLY B 126 -17.22 -22.26 -28.21
N ALA B 127 -17.03 -21.31 -27.31
CA ALA B 127 -15.83 -21.33 -26.44
C ALA B 127 -15.87 -22.49 -25.54
N ASP B 128 -14.72 -22.92 -25.06
CA ASP B 128 -14.64 -24.00 -24.06
C ASP B 128 -14.69 -23.56 -22.60
N GLY B 129 -14.42 -22.27 -22.32
CA GLY B 129 -14.52 -21.74 -20.97
C GLY B 129 -14.34 -20.26 -21.04
N ILE B 130 -14.55 -19.59 -19.91
CA ILE B 130 -14.38 -18.14 -19.79
C ILE B 130 -13.41 -17.88 -18.63
N VAL B 131 -12.79 -16.69 -18.65
CA VAL B 131 -11.88 -16.24 -17.57
C VAL B 131 -12.40 -14.94 -17.10
N VAL B 132 -12.63 -14.85 -15.78
CA VAL B 132 -13.32 -13.71 -15.26
C VAL B 132 -12.53 -13.09 -14.12
N ILE B 133 -12.09 -11.85 -14.34
CA ILE B 133 -11.43 -11.04 -13.29
C ILE B 133 -12.50 -10.48 -12.36
N ASN B 134 -12.10 -10.15 -11.13
CA ASN B 134 -12.95 -9.36 -10.25
C ASN B 134 -13.11 -7.92 -10.76
N PRO B 135 -14.27 -7.29 -10.48
CA PRO B 135 -14.48 -5.91 -10.87
C PRO B 135 -13.36 -5.06 -10.25
N TYR B 136 -12.84 -4.10 -11.01
CA TYR B 136 -11.57 -3.47 -10.69
C TYR B 136 -11.63 -1.93 -10.63
N TYR B 137 -12.84 -1.39 -10.69
CA TYR B 137 -12.99 -0.04 -10.30
C TYR B 137 -13.34 0.00 -8.80
N TRP B 138 -14.61 -0.04 -8.46
CA TRP B 138 -15.05 -0.33 -7.10
C TRP B 138 -14.46 -1.67 -6.67
N LYS B 139 -13.91 -1.73 -5.48
CA LYS B 139 -13.51 -3.03 -4.91
C LYS B 139 -14.71 -3.39 -4.06
N VAL B 140 -15.59 -4.22 -4.58
CA VAL B 140 -16.87 -4.42 -3.94
C VAL B 140 -16.68 -5.27 -2.66
N SER B 141 -17.67 -5.21 -1.77
CA SER B 141 -17.71 -5.99 -0.56
C SER B 141 -17.55 -7.48 -0.86
N GLU B 142 -17.09 -8.20 0.14
CA GLU B 142 -16.99 -9.61 -0.04
C GLU B 142 -18.31 -10.32 -0.49
N ALA B 143 -19.42 -9.95 0.13
CA ALA B 143 -20.76 -10.47 -0.23
C ALA B 143 -21.07 -10.20 -1.71
N ASN B 144 -20.83 -8.97 -2.13
CA ASN B 144 -21.10 -8.56 -3.54
C ASN B 144 -20.19 -9.28 -4.49
N LEU B 145 -18.98 -9.54 -4.02
CA LEU B 145 -17.99 -10.21 -4.87
C LEU B 145 -18.32 -11.68 -5.12
N ILE B 146 -18.64 -12.34 -4.04
CA ILE B 146 -19.13 -13.71 -4.09
C ILE B 146 -20.37 -13.78 -4.94
N ARG B 147 -21.31 -12.88 -4.67
CA ARG B 147 -22.51 -12.81 -5.48
C ARG B 147 -22.20 -12.64 -6.96
N TYR B 148 -21.28 -11.76 -7.27
CA TYR B 148 -20.94 -11.49 -8.67
C TYR B 148 -20.44 -12.71 -9.35
N PHE B 149 -19.45 -13.37 -8.78
CA PHE B 149 -18.91 -14.59 -9.37
C PHE B 149 -20.01 -15.67 -9.47
N GLU B 150 -20.84 -15.78 -8.44
CA GLU B 150 -21.92 -16.84 -8.49
C GLU B 150 -22.87 -16.52 -9.64
N GLN B 151 -23.21 -15.26 -9.84
CA GLN B 151 -24.09 -14.90 -10.96
C GLN B 151 -23.51 -15.14 -12.33
N VAL B 152 -22.21 -14.88 -12.44
CA VAL B 152 -21.56 -15.08 -13.71
C VAL B 152 -21.52 -16.57 -13.97
N ALA B 153 -21.18 -17.31 -12.94
CA ALA B 153 -21.05 -18.76 -13.10
C ALA B 153 -22.45 -19.40 -13.39
N ASP B 154 -23.48 -18.80 -12.87
CA ASP B 154 -24.84 -19.29 -13.14
C ASP B 154 -25.29 -18.96 -14.57
N SER B 155 -24.64 -18.01 -15.26
CA SER B 155 -25.14 -17.48 -16.50
C SER B 155 -24.76 -18.41 -17.64
N VAL B 156 -23.85 -19.33 -17.39
CA VAL B 156 -23.31 -20.15 -18.44
C VAL B 156 -23.21 -21.57 -17.94
N THR B 157 -23.13 -22.54 -18.83
CA THR B 157 -22.75 -23.87 -18.37
C THR B 157 -21.29 -24.15 -18.61
N LEU B 158 -20.57 -23.20 -19.14
CA LEU B 158 -19.13 -23.38 -19.32
C LEU B 158 -18.32 -23.45 -17.99
N PRO B 159 -17.22 -24.13 -18.03
CA PRO B 159 -16.21 -23.92 -16.97
C PRO B 159 -15.77 -22.43 -16.86
N VAL B 160 -15.59 -21.97 -15.64
CA VAL B 160 -15.17 -20.60 -15.31
C VAL B 160 -13.82 -20.67 -14.59
N MET B 161 -12.88 -19.94 -15.16
CA MET B 161 -11.61 -19.73 -14.53
C MET B 161 -11.62 -18.30 -13.97
N LEU B 162 -11.36 -18.17 -12.68
CA LEU B 162 -11.22 -16.85 -12.07
C LEU B 162 -9.86 -16.27 -12.51
N TYR B 163 -9.71 -14.99 -12.32
CA TYR B 163 -8.49 -14.24 -12.73
C TYR B 163 -8.19 -13.31 -11.61
N ASN B 164 -7.12 -13.62 -10.85
CA ASN B 164 -6.60 -12.71 -9.87
C ASN B 164 -5.40 -11.86 -10.42
N PHE B 165 -5.46 -10.56 -10.26
CA PHE B 165 -4.36 -9.65 -10.72
C PHE B 165 -4.34 -8.46 -9.80
N PRO B 166 -3.97 -8.70 -8.55
CA PRO B 166 -4.20 -7.63 -7.59
C PRO B 166 -3.41 -6.31 -7.83
N ALA B 167 -2.26 -6.41 -8.51
CA ALA B 167 -1.53 -5.18 -8.84
C ALA B 167 -2.39 -4.26 -9.71
N LEU B 168 -3.27 -4.81 -10.53
CA LEU B 168 -4.20 -3.96 -11.33
C LEU B 168 -5.58 -3.76 -10.72
N THR B 169 -6.11 -4.79 -10.08
CA THR B 169 -7.43 -4.69 -9.51
C THR B 169 -7.49 -4.02 -8.16
N GLY B 170 -6.40 -3.98 -7.42
CA GLY B 170 -6.47 -3.37 -6.06
C GLY B 170 -7.30 -4.25 -5.10
N GLN B 171 -7.64 -5.46 -5.50
CA GLN B 171 -8.37 -6.36 -4.63
C GLN B 171 -7.98 -7.78 -4.85
N ASP B 172 -7.38 -8.40 -3.82
CA ASP B 172 -6.89 -9.76 -3.96
C ASP B 172 -8.01 -10.83 -3.87
N LEU B 173 -7.97 -11.81 -4.72
CA LEU B 173 -8.81 -12.98 -4.58
C LEU B 173 -7.98 -13.90 -3.70
N THR B 174 -8.28 -13.91 -2.41
CA THR B 174 -7.49 -14.68 -1.48
C THR B 174 -7.76 -16.17 -1.63
N PRO B 175 -6.76 -17.02 -1.31
CA PRO B 175 -7.08 -18.46 -1.34
C PRO B 175 -8.36 -18.85 -0.62
N ALA B 176 -8.67 -18.23 0.52
CA ALA B 176 -9.90 -18.62 1.29
C ALA B 176 -11.15 -18.30 0.46
N LEU B 177 -11.12 -17.12 -0.15
CA LEU B 177 -12.24 -16.68 -1.00
C LEU B 177 -12.46 -17.59 -2.20
N VAL B 178 -11.37 -17.90 -2.88
CA VAL B 178 -11.41 -18.80 -4.00
C VAL B 178 -11.95 -20.15 -3.59
N LYS B 179 -11.53 -20.69 -2.47
CA LYS B 179 -12.09 -21.93 -2.00
C LYS B 179 -13.63 -21.83 -1.77
N THR B 180 -14.06 -20.69 -1.23
CA THR B 180 -15.46 -20.44 -0.94
C THR B 180 -16.23 -20.44 -2.30
N LEU B 181 -15.67 -19.77 -3.31
CA LEU B 181 -16.25 -19.83 -4.63
C LEU B 181 -16.30 -21.24 -5.25
N ALA B 182 -15.18 -22.01 -5.22
CA ALA B 182 -15.14 -23.40 -5.65
C ALA B 182 -16.16 -24.25 -4.92
N ASP B 183 -16.28 -24.06 -3.60
CA ASP B 183 -17.33 -24.74 -2.81
C ASP B 183 -18.74 -24.39 -3.34
N SER B 184 -18.96 -23.14 -3.72
CA SER B 184 -20.31 -22.66 -4.04
C SER B 184 -20.81 -23.08 -5.41
N ARG B 185 -19.95 -23.04 -6.40
CA ARG B 185 -20.32 -23.34 -7.77
C ARG B 185 -19.40 -24.36 -8.40
N SER B 186 -19.96 -25.50 -8.83
CA SER B 186 -19.16 -26.55 -9.37
C SER B 186 -18.56 -26.26 -10.77
N ASN B 187 -18.95 -25.21 -11.43
CA ASN B 187 -18.27 -24.81 -12.67
C ASN B 187 -17.16 -23.72 -12.47
N ILE B 188 -16.93 -23.32 -11.25
CA ILE B 188 -15.74 -22.49 -10.96
C ILE B 188 -14.60 -23.45 -10.68
N ILE B 189 -13.74 -23.63 -11.65
CA ILE B 189 -12.85 -24.78 -11.66
C ILE B 189 -11.39 -24.48 -11.76
N GLY B 190 -11.03 -23.22 -11.67
CA GLY B 190 -9.61 -22.85 -11.72
C GLY B 190 -9.37 -21.37 -11.53
N ILE B 191 -8.11 -20.97 -11.52
CA ILE B 191 -7.66 -19.61 -11.35
C ILE B 191 -6.36 -19.36 -12.08
N LYS B 192 -6.28 -18.18 -12.65
CA LYS B 192 -5.03 -17.64 -13.16
C LYS B 192 -4.61 -16.65 -12.08
N ASP B 193 -3.56 -17.02 -11.39
CA ASP B 193 -3.10 -16.20 -10.31
C ASP B 193 -1.92 -15.37 -10.75
N THR B 194 -2.19 -14.09 -11.03
CA THR B 194 -1.17 -13.18 -11.60
C THR B 194 -0.59 -12.31 -10.48
N ILE B 195 0.51 -12.77 -9.88
CA ILE B 195 1.14 -12.12 -8.76
C ILE B 195 2.58 -12.63 -8.61
N ASP B 196 3.51 -11.73 -8.27
CA ASP B 196 4.92 -12.11 -8.13
C ASP B 196 5.05 -12.51 -6.65
N SER B 197 4.57 -13.70 -6.33
CA SER B 197 4.52 -14.17 -4.97
C SER B 197 4.48 -15.66 -4.91
N VAL B 198 5.56 -16.24 -4.39
CA VAL B 198 5.58 -17.68 -4.17
C VAL B 198 4.60 -18.01 -3.08
N ALA B 199 4.49 -17.18 -2.00
CA ALA B 199 3.51 -17.47 -0.91
C ALA B 199 2.09 -17.53 -1.45
N HIS B 200 1.73 -16.57 -2.31
CA HIS B 200 0.35 -16.53 -2.77
C HIS B 200 0.00 -17.81 -3.58
N LEU B 201 0.92 -18.21 -4.47
CA LEU B 201 0.77 -19.46 -5.23
C LEU B 201 0.70 -20.66 -4.31
N ARG B 202 1.66 -20.76 -3.40
CA ARG B 202 1.69 -21.86 -2.48
C ARG B 202 0.34 -22.01 -1.77
N SER B 203 -0.12 -20.91 -1.21
CA SER B 203 -1.28 -20.91 -0.35
C SER B 203 -2.57 -21.13 -1.18
N MET B 204 -2.61 -20.62 -2.40
CA MET B 204 -3.72 -20.89 -3.34
C MET B 204 -3.81 -22.40 -3.57
N ILE B 205 -2.66 -23.01 -3.83
CA ILE B 205 -2.62 -24.45 -4.06
C ILE B 205 -3.05 -25.26 -2.82
N HIS B 206 -2.41 -24.99 -1.68
CA HIS B 206 -2.73 -25.75 -0.47
C HIS B 206 -4.19 -25.58 -0.12
N THR B 207 -4.67 -24.37 -0.12
CA THR B 207 -6.03 -24.11 0.33
C THR B 207 -7.09 -24.60 -0.63
N VAL B 208 -6.95 -24.29 -1.91
CA VAL B 208 -8.04 -24.60 -2.82
C VAL B 208 -7.92 -26.03 -3.30
N LYS B 209 -6.73 -26.42 -3.76
CA LYS B 209 -6.56 -27.75 -4.23
C LYS B 209 -6.63 -28.78 -3.10
N GLY B 210 -6.33 -28.37 -1.87
CA GLY B 210 -6.52 -29.24 -0.71
C GLY B 210 -7.99 -29.66 -0.55
N ALA B 211 -8.92 -28.72 -0.78
CA ALA B 211 -10.34 -29.05 -0.76
C ALA B 211 -10.84 -29.63 -2.05
N HIS B 212 -10.28 -29.21 -3.17
CA HIS B 212 -10.74 -29.56 -4.51
C HIS B 212 -9.56 -29.99 -5.35
N PRO B 213 -9.13 -31.28 -5.26
CA PRO B 213 -7.86 -31.75 -5.88
C PRO B 213 -7.74 -31.46 -7.34
N HIS B 214 -8.85 -31.32 -8.07
CA HIS B 214 -8.78 -31.03 -9.50
C HIS B 214 -9.06 -29.59 -9.89
N PHE B 215 -9.15 -28.72 -8.91
CA PHE B 215 -9.22 -27.30 -9.23
C PHE B 215 -7.86 -26.88 -9.88
N THR B 216 -7.89 -26.09 -10.93
CA THR B 216 -6.68 -25.77 -11.69
C THR B 216 -6.06 -24.43 -11.17
N VAL B 217 -4.77 -24.44 -10.86
CA VAL B 217 -4.03 -23.22 -10.49
C VAL B 217 -2.95 -22.98 -11.51
N LEU B 218 -3.13 -21.88 -12.25
CA LEU B 218 -2.14 -21.43 -13.20
C LEU B 218 -1.55 -20.14 -12.78
N CYS B 219 -0.23 -19.95 -12.96
CA CYS B 219 0.37 -18.67 -12.61
C CYS B 219 0.24 -17.77 -13.82
N GLY B 220 0.22 -16.46 -13.61
CA GLY B 220 0.14 -15.49 -14.67
C GLY B 220 1.48 -14.91 -15.11
N TYR B 221 2.57 -15.28 -14.45
CA TYR B 221 3.95 -14.80 -14.76
C TYR B 221 4.89 -15.91 -15.16
N ASP B 222 5.68 -15.62 -16.17
CA ASP B 222 6.56 -16.60 -16.81
C ASP B 222 7.47 -17.16 -15.77
N ASP B 223 7.95 -16.31 -14.89
CA ASP B 223 9.02 -16.72 -13.98
C ASP B 223 8.51 -17.50 -12.76
N HIS B 224 7.21 -17.78 -12.73
CA HIS B 224 6.64 -18.59 -11.69
C HIS B 224 6.15 -19.99 -12.14
N LEU B 225 6.29 -20.32 -13.42
CA LEU B 225 5.80 -21.61 -13.97
C LEU B 225 6.40 -22.77 -13.28
N PHE B 226 7.75 -22.77 -13.19
CA PHE B 226 8.51 -23.84 -12.58
C PHE B 226 8.09 -24.04 -11.13
N ASN B 227 8.04 -22.97 -10.34
CA ASN B 227 7.65 -23.10 -8.96
C ASN B 227 6.22 -23.58 -8.85
N THR B 228 5.37 -23.01 -9.70
CA THR B 228 3.94 -23.43 -9.70
C THR B 228 3.78 -24.97 -9.88
N LEU B 229 4.59 -25.56 -10.75
CA LEU B 229 4.58 -27.00 -10.96
C LEU B 229 5.08 -27.71 -9.72
N LEU B 230 6.21 -27.23 -9.18
CA LEU B 230 6.83 -27.92 -8.07
C LEU B 230 5.93 -27.84 -6.81
N LEU B 231 5.12 -26.78 -6.72
CA LEU B 231 4.22 -26.60 -5.62
C LEU B 231 2.97 -27.46 -5.75
N GLY B 232 2.78 -28.13 -6.90
CA GLY B 232 1.56 -28.91 -7.13
C GLY B 232 0.46 -28.18 -7.91
N GLY B 233 0.78 -27.07 -8.54
CA GLY B 233 -0.13 -26.42 -9.50
C GLY B 233 -0.05 -26.97 -10.88
N ASP B 234 -0.60 -26.25 -11.86
CA ASP B 234 -0.97 -26.89 -13.11
C ASP B 234 -0.41 -26.29 -14.37
N GLY B 235 0.25 -25.13 -14.26
CA GLY B 235 0.64 -24.43 -15.48
C GLY B 235 0.71 -22.96 -15.41
N ALA B 236 0.66 -22.35 -16.61
CA ALA B 236 0.78 -20.88 -16.78
C ALA B 236 0.01 -20.36 -17.93
N ILE B 237 -0.55 -19.18 -17.73
CA ILE B 237 -1.03 -18.28 -18.72
C ILE B 237 -0.14 -17.06 -18.60
N SER B 238 0.86 -16.99 -19.46
CA SER B 238 1.83 -15.87 -19.35
C SER B 238 2.29 -15.39 -20.69
N ALA B 239 2.68 -14.14 -20.70
CA ALA B 239 2.85 -13.40 -21.97
C ALA B 239 3.85 -14.01 -22.94
N SER B 240 4.90 -14.63 -22.41
CA SER B 240 5.96 -15.25 -23.28
C SER B 240 5.44 -16.43 -24.13
N GLY B 241 4.26 -16.90 -23.80
CA GLY B 241 3.58 -17.89 -24.63
C GLY B 241 3.32 -17.36 -26.05
N ASN B 242 3.28 -16.05 -26.20
CA ASN B 242 3.07 -15.47 -27.50
C ASN B 242 4.28 -15.57 -28.44
N PHE B 243 5.45 -15.32 -27.90
CA PHE B 243 6.68 -15.17 -28.74
C PHE B 243 7.67 -16.24 -28.52
N ALA B 244 7.65 -16.86 -27.37
CA ALA B 244 8.55 -18.00 -27.10
C ALA B 244 7.79 -19.18 -26.43
N PRO B 245 6.71 -19.63 -27.05
CA PRO B 245 5.94 -20.72 -26.40
C PRO B 245 6.73 -21.98 -26.12
N GLN B 246 7.75 -22.26 -26.96
CA GLN B 246 8.54 -23.48 -26.85
C GLN B 246 9.23 -23.59 -25.50
N VAL B 247 9.55 -22.47 -24.93
CA VAL B 247 10.27 -22.51 -23.65
C VAL B 247 9.35 -23.11 -22.57
N SER B 248 8.15 -22.58 -22.48
CA SER B 248 7.15 -23.16 -21.52
C SER B 248 6.66 -24.58 -21.88
N VAL B 249 6.37 -24.80 -23.17
CA VAL B 249 5.93 -26.10 -23.65
C VAL B 249 6.97 -27.15 -23.27
N ASN B 250 8.23 -26.83 -23.49
CA ASN B 250 9.31 -27.77 -23.27
C ASN B 250 9.58 -27.96 -21.80
N LEU B 251 9.42 -26.91 -21.01
CA LEU B 251 9.49 -27.08 -19.55
C LEU B 251 8.40 -28.05 -19.03
N LEU B 252 7.16 -27.83 -19.45
CA LEU B 252 6.09 -28.64 -18.99
C LEU B 252 6.32 -30.12 -19.39
N LYS B 253 6.72 -30.35 -20.64
CA LYS B 253 7.06 -31.67 -21.13
C LYS B 253 8.17 -32.35 -20.29
N ALA B 254 9.27 -31.64 -20.09
CA ALA B 254 10.35 -32.11 -19.21
C ALA B 254 9.88 -32.36 -17.83
N TRP B 255 9.05 -31.48 -17.28
CA TRP B 255 8.51 -31.78 -15.97
C TRP B 255 7.68 -33.09 -15.94
N ARG B 256 6.78 -33.22 -16.91
CA ARG B 256 5.95 -34.41 -17.03
C ARG B 256 6.73 -35.69 -17.39
N ASP B 257 7.88 -35.52 -18.04
CA ASP B 257 8.76 -36.65 -18.35
C ASP B 257 9.57 -37.03 -17.12
N GLY B 258 9.51 -36.24 -16.02
CA GLY B 258 10.49 -36.35 -14.90
C GLY B 258 11.92 -35.84 -15.14
N ASP B 259 12.19 -35.15 -16.23
CA ASP B 259 13.48 -34.62 -16.44
C ASP B 259 13.52 -33.20 -15.79
N VAL B 260 13.74 -33.22 -14.49
CA VAL B 260 13.71 -31.99 -13.66
C VAL B 260 14.81 -31.01 -13.97
N ALA B 261 16.00 -31.54 -14.23
CA ALA B 261 17.13 -30.70 -14.59
C ALA B 261 16.81 -29.99 -15.87
N LYS B 262 16.19 -30.69 -16.84
CA LYS B 262 15.90 -30.05 -18.13
C LYS B 262 14.87 -28.93 -17.94
N ALA B 263 13.83 -29.20 -17.16
CA ALA B 263 12.82 -28.21 -16.83
C ALA B 263 13.44 -26.94 -16.18
N ALA B 264 14.40 -27.19 -15.28
CA ALA B 264 15.13 -26.14 -14.60
C ALA B 264 15.90 -25.33 -15.57
N GLY B 265 16.39 -25.96 -16.62
CA GLY B 265 17.13 -25.20 -17.65
C GLY B 265 16.26 -24.20 -18.37
N TYR B 266 15.03 -24.61 -18.68
CA TYR B 266 14.07 -23.71 -19.36
C TYR B 266 13.64 -22.65 -18.39
N HIS B 267 13.50 -23.00 -17.12
CA HIS B 267 13.14 -22.04 -16.09
C HIS B 267 14.15 -20.89 -16.02
N GLN B 268 15.44 -21.23 -16.21
CA GLN B 268 16.47 -20.20 -16.13
C GLN B 268 16.19 -19.13 -17.17
N THR B 269 15.64 -19.54 -18.30
CA THR B 269 15.26 -18.62 -19.35
C THR B 269 14.08 -17.76 -18.99
N LEU B 270 13.04 -18.44 -18.49
CA LEU B 270 11.86 -17.80 -18.11
C LEU B 270 12.10 -16.85 -16.95
N LEU B 271 13.09 -17.14 -16.10
CA LEU B 271 13.52 -16.18 -15.06
C LEU B 271 13.94 -14.84 -15.56
N GLN B 272 14.47 -14.81 -16.80
CA GLN B 272 15.04 -13.58 -17.39
C GLN B 272 14.10 -12.85 -18.25
N ILE B 273 13.19 -13.58 -18.93
CA ILE B 273 12.26 -12.93 -19.83
C ILE B 273 11.55 -11.68 -19.30
N PRO B 274 11.02 -11.73 -18.06
CA PRO B 274 10.20 -10.59 -17.64
C PRO B 274 10.92 -9.22 -17.54
N GLN B 275 12.24 -9.16 -17.59
CA GLN B 275 12.96 -7.85 -17.80
C GLN B 275 12.29 -7.01 -18.91
N MET B 276 11.88 -7.70 -19.98
CA MET B 276 11.31 -7.05 -21.19
C MET B 276 10.11 -6.26 -20.88
N TYR B 277 9.30 -6.78 -19.97
CA TYR B 277 8.04 -6.13 -19.66
C TYR B 277 8.17 -4.76 -18.94
N GLN B 278 9.35 -4.44 -18.44
CA GLN B 278 9.64 -3.12 -17.90
C GLN B 278 9.78 -2.05 -18.98
N LEU B 279 9.86 -2.44 -20.25
CA LEU B 279 10.14 -1.46 -21.28
C LEU B 279 9.01 -0.44 -21.46
N ASP B 280 7.79 -0.79 -21.08
CA ASP B 280 6.67 0.11 -21.13
C ASP B 280 5.52 -0.36 -20.27
N THR B 281 4.60 0.55 -20.02
CA THR B 281 3.39 0.21 -19.29
C THR B 281 2.23 0.92 -19.88
N PRO B 282 1.24 0.19 -20.49
CA PRO B 282 1.13 -1.26 -20.62
C PRO B 282 2.20 -1.77 -21.51
N PHE B 283 2.51 -3.03 -21.39
CA PHE B 283 3.55 -3.58 -22.21
C PHE B 283 3.02 -4.57 -23.26
N VAL B 284 1.75 -4.45 -23.57
CA VAL B 284 1.17 -5.09 -24.76
C VAL B 284 1.99 -4.83 -26.08
N ASN B 285 2.48 -3.61 -26.25
CA ASN B 285 3.37 -3.26 -27.33
C ASN B 285 4.64 -4.09 -27.35
N VAL B 286 5.24 -4.28 -26.19
CA VAL B 286 6.42 -5.10 -26.10
C VAL B 286 6.13 -6.52 -26.58
N ILE B 287 5.03 -7.11 -26.12
CA ILE B 287 4.78 -8.49 -26.50
C ILE B 287 4.66 -8.65 -28.02
N LYS B 288 3.97 -7.71 -28.64
CA LYS B 288 3.74 -7.83 -30.08
C LYS B 288 5.03 -7.59 -30.85
N GLU B 289 5.82 -6.66 -30.34
CA GLU B 289 7.17 -6.44 -30.93
C GLU B 289 7.98 -7.68 -30.82
N ALA B 290 7.85 -8.44 -29.73
CA ALA B 290 8.64 -9.64 -29.55
C ALA B 290 8.17 -10.72 -30.49
N ILE B 291 6.86 -10.75 -30.75
CA ILE B 291 6.33 -11.74 -31.71
C ILE B 291 7.02 -11.51 -33.03
N VAL B 292 7.16 -10.25 -33.40
CA VAL B 292 7.81 -9.90 -34.69
C VAL B 292 9.28 -10.28 -34.78
N LEU B 293 10.04 -9.83 -33.79
CA LEU B 293 11.45 -10.18 -33.63
C LEU B 293 11.67 -11.67 -33.57
N CYS B 294 10.75 -12.43 -33.05
CA CYS B 294 10.94 -13.90 -32.99
C CYS B 294 10.47 -14.65 -34.27
N GLY B 295 10.04 -13.95 -35.31
CA GLY B 295 9.90 -14.59 -36.61
C GLY B 295 8.49 -14.50 -37.16
N ARG B 296 7.53 -13.91 -36.46
CA ARG B 296 6.14 -13.76 -37.02
C ARG B 296 5.78 -12.31 -37.29
N PRO B 297 5.87 -11.86 -38.56
CA PRO B 297 5.64 -10.43 -38.86
C PRO B 297 4.17 -10.01 -38.84
N VAL B 298 3.74 -9.38 -37.77
CA VAL B 298 2.34 -8.92 -37.65
C VAL B 298 2.41 -7.44 -37.42
N SER B 299 1.33 -6.73 -37.73
CA SER B 299 1.15 -5.36 -37.29
C SER B 299 1.23 -5.37 -35.73
N THR B 300 1.95 -4.40 -35.18
CA THR B 300 2.14 -4.26 -33.75
C THR B 300 1.26 -3.15 -33.14
N HIS B 301 0.32 -2.63 -33.94
CA HIS B 301 -0.56 -1.64 -33.47
C HIS B 301 -1.19 -2.07 -32.12
N VAL B 302 -1.26 -1.12 -31.21
CA VAL B 302 -1.91 -1.35 -29.89
C VAL B 302 -2.94 -0.28 -29.74
N LEU B 303 -3.97 -0.57 -28.93
CA LEU B 303 -5.03 0.40 -28.67
C LEU B 303 -4.70 1.39 -27.53
N PRO B 304 -5.10 2.67 -27.69
CA PRO B 304 -4.89 3.64 -26.64
C PRO B 304 -5.65 3.17 -25.39
N PRO B 305 -5.11 3.46 -24.17
CA PRO B 305 -3.97 4.41 -23.97
C PRO B 305 -2.56 3.80 -24.04
N ALA B 306 -2.42 2.55 -24.54
CA ALA B 306 -1.10 2.08 -24.89
C ALA B 306 -0.66 2.82 -26.12
N SER B 307 0.64 2.73 -26.46
CA SER B 307 1.22 3.46 -27.56
C SER B 307 2.36 2.67 -28.18
N PRO B 308 2.79 3.03 -29.38
CA PRO B 308 3.82 2.20 -30.01
C PRO B 308 5.14 2.28 -29.26
N LEU B 309 5.85 1.17 -29.21
CA LEU B 309 7.17 1.11 -28.60
C LEU B 309 8.20 1.85 -29.46
N ASP B 310 8.97 2.73 -28.85
CA ASP B 310 9.98 3.52 -29.59
C ASP B 310 11.09 2.61 -30.10
N GLU B 311 11.86 3.14 -31.04
CA GLU B 311 12.92 2.32 -31.64
C GLU B 311 14.00 1.93 -30.66
N PRO B 312 14.44 2.85 -29.77
CA PRO B 312 15.47 2.47 -28.82
C PRO B 312 15.00 1.29 -27.95
N ARG B 313 13.79 1.38 -27.44
CA ARG B 313 13.32 0.26 -26.66
C ARG B 313 13.06 -1.05 -27.50
N LYS B 314 12.71 -0.91 -28.77
CA LYS B 314 12.61 -2.06 -29.65
C LYS B 314 13.95 -2.77 -29.75
N ALA B 315 15.04 -2.01 -29.88
CA ALA B 315 16.39 -2.59 -29.97
C ALA B 315 16.81 -3.25 -28.67
N GLN B 316 16.40 -2.63 -27.57
CA GLN B 316 16.64 -3.18 -26.26
C GLN B 316 15.96 -4.52 -26.13
N LEU B 317 14.70 -4.58 -26.53
CA LEU B 317 13.95 -5.85 -26.60
C LEU B 317 14.73 -6.85 -27.37
N LYS B 318 15.18 -6.43 -28.53
CA LYS B 318 15.92 -7.33 -29.46
C LYS B 318 17.15 -7.92 -28.84
N THR B 319 17.95 -7.10 -28.13
CA THR B 319 19.17 -7.58 -27.47
C THR B 319 18.84 -8.52 -26.30
N LEU B 320 17.76 -8.27 -25.58
CA LEU B 320 17.33 -9.18 -24.53
C LEU B 320 16.94 -10.54 -25.15
N LEU B 321 16.21 -10.51 -26.25
CA LEU B 321 15.80 -11.79 -26.88
C LEU B 321 17.00 -12.53 -27.43
N GLN B 322 17.95 -11.77 -27.99
CA GLN B 322 19.19 -12.39 -28.50
C GLN B 322 20.01 -13.00 -27.38
N GLN B 323 20.17 -12.27 -26.30
CA GLN B 323 20.86 -12.78 -25.15
C GLN B 323 20.32 -14.09 -24.61
N LEU B 324 19.02 -14.27 -24.70
CA LEU B 324 18.39 -15.50 -24.21
C LEU B 324 18.26 -16.55 -25.30
N LYS B 325 18.77 -16.23 -26.47
CA LYS B 325 18.79 -17.16 -27.64
C LYS B 325 17.34 -17.49 -28.15
N LEU B 326 16.48 -16.48 -28.18
CA LEU B 326 15.10 -16.58 -28.63
C LEU B 326 14.80 -15.94 -30.01
N CYS B 327 15.81 -15.29 -30.57
CA CYS B 327 15.82 -14.85 -31.99
C CYS B 327 17.24 -14.52 -32.45
N ALA C 30 -12.26 13.38 31.35
CA ALA C 30 -11.27 13.13 30.24
C ALA C 30 -9.93 13.73 30.60
N LEU C 31 -8.90 12.92 30.49
CA LEU C 31 -7.52 13.27 30.81
C LEU C 31 -6.71 13.69 29.57
N PHE C 32 -5.84 14.65 29.75
CA PHE C 32 -4.95 15.14 28.71
C PHE C 32 -5.72 15.66 27.51
N THR C 33 -6.67 16.55 27.77
CA THR C 33 -7.40 17.20 26.69
C THR C 33 -6.75 18.54 26.37
N GLY C 34 -7.16 19.10 25.24
CA GLY C 34 -6.75 20.42 24.86
C GLY C 34 -5.47 20.38 24.01
N ILE C 35 -4.63 21.40 24.15
CA ILE C 35 -3.40 21.57 23.33
C ILE C 35 -2.23 21.07 24.10
N ILE C 36 -1.61 19.97 23.62
CA ILE C 36 -0.46 19.35 24.22
C ILE C 36 0.65 19.12 23.23
N PRO C 37 1.61 20.08 23.15
CA PRO C 37 2.72 19.97 22.20
C PRO C 37 3.62 18.75 22.42
N PRO C 38 4.00 18.08 21.29
CA PRO C 38 5.04 17.10 21.25
C PRO C 38 6.34 17.90 21.25
N VAL C 39 6.87 18.13 22.45
CA VAL C 39 7.90 19.14 22.63
C VAL C 39 9.18 18.68 22.01
N SER C 40 9.87 19.59 21.34
CA SER C 40 11.14 19.29 20.75
C SER C 40 12.21 19.04 21.81
N THR C 41 13.14 18.13 21.55
CA THR C 41 14.25 17.97 22.46
C THR C 41 15.38 18.84 21.88
N ILE C 42 15.92 19.77 22.71
CA ILE C 42 17.06 20.63 22.31
C ILE C 42 18.39 19.99 22.74
N PHE C 43 19.28 19.80 21.78
CA PHE C 43 20.54 19.22 22.00
C PHE C 43 21.69 20.19 21.69
N THR C 44 22.79 19.99 22.38
CA THR C 44 24.05 20.62 21.97
C THR C 44 24.63 19.92 20.71
N ALA C 45 25.63 20.52 20.07
CA ALA C 45 26.28 19.93 18.92
C ALA C 45 26.79 18.52 19.14
N ASP C 46 27.13 18.13 20.34
CA ASP C 46 27.59 16.81 20.58
C ASP C 46 26.42 15.85 20.75
N GLY C 47 25.20 16.30 20.57
CA GLY C 47 24.03 15.39 20.65
C GLY C 47 23.59 15.13 22.09
N GLN C 48 24.01 15.96 23.03
CA GLN C 48 23.59 15.80 24.42
C GLN C 48 22.50 16.78 24.66
N LEU C 49 21.61 16.45 25.59
CA LEU C 49 20.54 17.32 26.06
C LEU C 49 20.99 18.73 26.45
N ASP C 50 20.33 19.76 25.90
CA ASP C 50 20.63 21.19 26.15
C ASP C 50 19.63 21.64 27.15
N LYS C 51 20.04 21.75 28.39
CA LYS C 51 19.07 22.00 29.46
C LYS C 51 18.52 23.43 29.45
N PRO C 52 19.39 24.45 29.35
CA PRO C 52 18.81 25.80 29.18
C PRO C 52 17.91 25.96 27.95
N GLY C 53 18.30 25.38 26.84
CA GLY C 53 17.46 25.53 25.63
C GLY C 53 16.08 24.88 25.79
N THR C 54 16.12 23.66 26.30
CA THR C 54 14.92 22.86 26.43
C THR C 54 14.06 23.50 27.46
N ALA C 55 14.65 23.94 28.58
CA ALA C 55 13.91 24.67 29.61
C ALA C 55 13.22 25.91 29.11
N ALA C 56 13.92 26.68 28.31
CA ALA C 56 13.35 27.90 27.80
C ALA C 56 12.11 27.58 26.93
N LEU C 57 12.24 26.52 26.14
CA LEU C 57 11.14 26.14 25.25
C LEU C 57 9.94 25.71 26.08
N ILE C 58 10.19 24.86 27.04
CA ILE C 58 9.14 24.47 27.97
C ILE C 58 8.44 25.68 28.61
N ASP C 59 9.24 26.67 29.04
CA ASP C 59 8.65 27.85 29.69
C ASP C 59 7.84 28.69 28.68
N ASP C 60 8.33 28.81 27.45
CA ASP C 60 7.60 29.51 26.41
C ASP C 60 6.21 28.87 26.24
N LEU C 61 6.19 27.55 26.22
CA LEU C 61 4.94 26.80 25.90
C LEU C 61 3.93 26.90 27.05
N ILE C 62 4.41 26.76 28.29
CA ILE C 62 3.56 26.95 29.45
C ILE C 62 2.97 28.32 29.44
N LYS C 63 3.84 29.30 29.26
CA LYS C 63 3.43 30.68 29.20
C LYS C 63 2.41 30.93 28.13
N ALA C 64 2.48 30.19 27.00
CA ALA C 64 1.47 30.36 25.95
C ALA C 64 0.12 29.75 26.24
N GLY C 65 -0.05 29.12 27.38
CA GLY C 65 -1.35 28.56 27.74
C GLY C 65 -1.64 27.13 27.28
N VAL C 66 -0.61 26.35 26.95
CA VAL C 66 -0.88 24.92 26.62
C VAL C 66 -1.47 24.17 27.83
N ASP C 67 -2.15 23.07 27.54
CA ASP C 67 -2.84 22.29 28.53
C ASP C 67 -2.02 21.17 29.08
N GLY C 68 -0.84 20.98 28.52
CA GLY C 68 -0.02 19.81 28.88
C GLY C 68 1.23 19.82 28.01
N LEU C 69 2.20 18.96 28.33
CA LEU C 69 3.41 18.81 27.54
C LEU C 69 3.75 17.31 27.35
N PHE C 70 4.11 16.94 26.10
CA PHE C 70 4.47 15.58 25.72
C PHE C 70 5.96 15.52 25.29
N PHE C 71 6.76 14.89 26.10
CA PHE C 71 8.18 14.66 25.80
C PHE C 71 8.43 13.28 25.18
N LEU C 72 9.44 13.23 24.28
CA LEU C 72 9.91 12.05 23.65
C LEU C 72 8.80 11.34 22.77
N GLY C 73 8.02 12.16 22.07
CA GLY C 73 7.22 11.71 20.95
C GLY C 73 8.09 11.69 19.73
N SER C 74 7.48 11.48 18.57
CA SER C 74 8.29 11.37 17.34
C SER C 74 9.12 12.65 17.18
N GLY C 75 8.45 13.79 17.39
CA GLY C 75 9.03 15.12 17.21
C GLY C 75 10.13 15.42 18.24
N GLY C 76 10.06 14.72 19.37
CA GLY C 76 11.08 14.77 20.38
C GLY C 76 12.26 13.83 20.16
N GLU C 77 12.29 13.10 19.03
CA GLU C 77 13.36 12.20 18.57
C GLU C 77 13.56 10.94 19.39
N PHE C 78 12.50 10.38 19.95
CA PHE C 78 12.64 9.23 20.88
C PHE C 78 13.38 8.10 20.19
N SER C 79 13.09 7.93 18.89
CA SER C 79 13.61 6.78 18.14
C SER C 79 15.07 6.93 17.74
N GLN C 80 15.60 8.14 17.90
CA GLN C 80 17.08 8.34 17.75
C GLN C 80 17.90 8.43 19.08
N LEU C 81 17.24 8.19 20.21
CA LEU C 81 17.86 8.25 21.55
C LEU C 81 17.96 6.86 22.17
N GLY C 82 19.04 6.64 22.95
CA GLY C 82 19.18 5.45 23.79
C GLY C 82 18.32 5.52 25.03
N ALA C 83 18.06 4.37 25.63
CA ALA C 83 17.21 4.26 26.82
C ALA C 83 17.67 5.19 27.93
N GLU C 84 18.99 5.19 28.21
CA GLU C 84 19.51 5.99 29.36
C GLU C 84 19.36 7.45 29.02
N GLU C 85 19.54 7.77 27.74
CA GLU C 85 19.35 9.16 27.32
C GLU C 85 17.92 9.61 27.53
N ARG C 86 16.98 8.74 27.18
CA ARG C 86 15.55 9.03 27.32
C ARG C 86 15.19 9.26 28.76
N LYS C 87 15.66 8.40 29.62
CA LYS C 87 15.37 8.57 31.05
C LYS C 87 15.87 9.91 31.57
N ALA C 88 17.08 10.27 31.19
CA ALA C 88 17.63 11.59 31.60
C ALA C 88 16.80 12.74 31.13
N ILE C 89 16.34 12.67 29.86
CA ILE C 89 15.53 13.70 29.29
C ILE C 89 14.20 13.82 29.97
N ALA C 90 13.51 12.69 30.17
CA ALA C 90 12.25 12.71 30.86
C ALA C 90 12.39 13.30 32.25
N ARG C 91 13.43 12.90 32.96
CA ARG C 91 13.63 13.33 34.33
C ARG C 91 13.75 14.82 34.36
N PHE C 92 14.64 15.36 33.52
CA PHE C 92 14.87 16.78 33.44
C PHE C 92 13.59 17.55 33.10
N ALA C 93 12.90 17.12 32.05
CA ALA C 93 11.68 17.82 31.64
C ALA C 93 10.61 17.81 32.73
N ILE C 94 10.36 16.66 33.32
CA ILE C 94 9.31 16.55 34.34
C ILE C 94 9.67 17.54 35.43
N ASP C 95 10.93 17.52 35.80
CA ASP C 95 11.41 18.33 36.90
C ASP C 95 11.30 19.81 36.61
N HIS C 96 11.68 20.22 35.38
CA HIS C 96 11.52 21.64 35.00
C HIS C 96 10.08 22.07 34.94
N VAL C 97 9.19 21.21 34.41
CA VAL C 97 7.77 21.59 34.37
C VAL C 97 7.24 21.81 35.78
N ASP C 98 7.68 20.98 36.71
CA ASP C 98 7.42 21.19 38.14
C ASP C 98 5.95 21.28 38.38
N ARG C 99 5.22 20.37 37.77
CA ARG C 99 3.78 20.29 37.87
C ARG C 99 2.93 21.54 37.46
N ARG C 100 3.49 22.49 36.72
CA ARG C 100 2.73 23.63 36.21
C ARG C 100 1.64 23.20 35.19
N VAL C 101 1.96 22.15 34.43
CA VAL C 101 0.96 21.47 33.57
C VAL C 101 1.18 19.95 33.57
N PRO C 102 0.17 19.19 33.19
CA PRO C 102 0.39 17.76 33.07
C PRO C 102 1.48 17.35 32.02
N VAL C 103 2.23 16.33 32.35
CA VAL C 103 3.38 15.91 31.56
C VAL C 103 3.14 14.44 31.15
N LEU C 104 3.31 14.24 29.82
CA LEU C 104 3.27 12.94 29.19
C LEU C 104 4.68 12.55 28.77
N ILE C 105 5.06 11.31 28.98
CA ILE C 105 6.31 10.85 28.45
C ILE C 105 6.07 9.75 27.43
N GLY C 106 6.71 9.89 26.27
CA GLY C 106 6.69 8.75 25.30
C GLY C 106 7.66 7.68 25.63
N THR C 107 7.17 6.45 25.82
CA THR C 107 8.00 5.33 26.33
C THR C 107 8.17 4.11 25.39
N GLY C 108 7.58 4.23 24.20
CA GLY C 108 7.54 3.12 23.22
C GLY C 108 8.81 2.90 22.45
N GLY C 109 8.76 1.83 21.61
CA GLY C 109 9.88 1.32 20.90
C GLY C 109 9.46 -0.04 20.38
N THR C 110 10.48 -0.80 19.96
CA THR C 110 10.30 -2.22 19.62
C THR C 110 10.56 -3.16 20.80
N ASN C 111 11.39 -2.70 21.71
CA ASN C 111 11.93 -3.55 22.82
C ASN C 111 10.96 -3.38 23.98
N ALA C 112 10.06 -4.32 24.09
CA ALA C 112 8.96 -4.21 25.04
C ALA C 112 9.46 -4.23 26.47
N ARG C 113 10.52 -4.96 26.77
CA ARG C 113 11.07 -4.89 28.15
C ARG C 113 11.55 -3.49 28.48
N GLU C 114 12.14 -2.84 27.51
CA GLU C 114 12.56 -1.45 27.67
C GLU C 114 11.35 -0.53 27.76
N THR C 115 10.27 -0.88 27.03
CA THR C 115 9.11 -0.05 27.15
C THR C 115 8.60 -0.03 28.61
N ILE C 116 8.58 -1.20 29.22
CA ILE C 116 8.16 -1.29 30.62
C ILE C 116 9.15 -0.53 31.54
N GLU C 117 10.42 -0.63 31.27
CA GLU C 117 11.41 0.01 32.14
C GLU C 117 11.24 1.51 32.02
N LEU C 118 11.10 2.00 30.76
CA LEU C 118 10.89 3.40 30.53
C LEU C 118 9.62 3.97 31.18
N SER C 119 8.55 3.18 31.17
CA SER C 119 7.27 3.62 31.66
C SER C 119 7.31 3.67 33.21
N GLN C 120 7.91 2.66 33.80
CA GLN C 120 8.05 2.63 35.25
C GLN C 120 8.97 3.79 35.64
N HIS C 121 10.09 3.97 34.92
CA HIS C 121 10.97 5.11 35.16
C HIS C 121 10.19 6.37 35.11
N ALA C 122 9.33 6.54 34.08
CA ALA C 122 8.50 7.73 33.97
C ALA C 122 7.60 7.98 35.22
N GLN C 123 6.95 6.91 35.64
CA GLN C 123 6.00 7.06 36.75
C GLN C 123 6.83 7.51 37.97
N GLN C 124 7.90 6.80 38.21
CA GLN C 124 8.84 7.14 39.32
C GLN C 124 9.35 8.57 39.32
N ALA C 125 9.70 9.03 38.15
CA ALA C 125 10.20 10.34 37.93
C ALA C 125 9.14 11.43 38.04
N GLY C 126 7.89 11.07 38.28
CA GLY C 126 6.81 12.08 38.47
C GLY C 126 5.95 12.42 37.23
N ALA C 127 6.02 11.64 36.17
CA ALA C 127 5.18 11.96 34.97
C ALA C 127 3.71 11.85 35.27
N ASP C 128 2.85 12.55 34.55
CA ASP C 128 1.35 12.31 34.77
C ASP C 128 0.77 11.15 33.94
N GLY C 129 1.47 10.83 32.85
CA GLY C 129 1.08 9.73 31.98
C GLY C 129 2.17 9.35 30.98
N ILE C 130 1.93 8.22 30.30
CA ILE C 130 2.86 7.74 29.32
C ILE C 130 2.13 7.62 27.99
N VAL C 131 2.92 7.67 26.91
CA VAL C 131 2.35 7.59 25.57
C VAL C 131 3.06 6.48 24.85
N VAL C 132 2.32 5.48 24.44
CA VAL C 132 2.93 4.27 23.89
C VAL C 132 2.44 3.92 22.49
N ILE C 133 3.36 3.94 21.55
CA ILE C 133 3.11 3.55 20.17
C ILE C 133 3.20 2.05 20.02
N ASN C 134 2.55 1.52 18.95
CA ASN C 134 2.62 0.06 18.66
C ASN C 134 4.06 -0.26 18.17
N PRO C 135 4.56 -1.47 18.46
CA PRO C 135 5.90 -1.82 17.99
C PRO C 135 5.92 -1.68 16.47
N TYR C 136 7.01 -1.13 15.91
CA TYR C 136 6.99 -0.66 14.53
C TYR C 136 8.04 -1.32 13.64
N TYR C 137 8.67 -2.37 14.16
CA TYR C 137 9.52 -3.17 13.31
C TYR C 137 8.64 -4.36 12.78
N TRP C 138 8.61 -5.47 13.51
CA TRP C 138 7.57 -6.45 13.30
C TRP C 138 6.24 -5.78 13.52
N LYS C 139 5.26 -6.09 12.67
CA LYS C 139 3.91 -5.64 12.91
C LYS C 139 3.33 -6.89 13.56
N VAL C 140 3.21 -6.87 14.87
CA VAL C 140 2.88 -8.12 15.57
C VAL C 140 1.41 -8.51 15.37
N SER C 141 1.10 -9.76 15.63
CA SER C 141 -0.26 -10.28 15.52
C SER C 141 -1.12 -9.50 16.49
N GLU C 142 -2.39 -9.48 16.15
CA GLU C 142 -3.37 -8.84 16.98
C GLU C 142 -3.33 -9.33 18.44
N ALA C 143 -3.20 -10.62 18.62
CA ALA C 143 -3.07 -11.22 19.99
C ALA C 143 -1.83 -10.67 20.73
N ASN C 144 -0.71 -10.65 20.03
CA ASN C 144 0.53 -10.12 20.62
C ASN C 144 0.45 -8.64 20.89
N LEU C 145 -0.25 -7.94 19.99
CA LEU C 145 -0.41 -6.47 20.17
C LEU C 145 -1.25 -6.11 21.39
N ILE C 146 -2.37 -6.78 21.49
CA ILE C 146 -3.25 -6.57 22.63
C ILE C 146 -2.51 -6.91 23.93
N ARG C 147 -1.81 -8.03 23.94
CA ARG C 147 -1.09 -8.45 25.10
C ARG C 147 -0.02 -7.43 25.48
N TYR C 148 0.75 -6.96 24.51
CA TYR C 148 1.74 -5.92 24.72
C TYR C 148 1.21 -4.71 25.41
N PHE C 149 0.15 -4.15 24.86
CA PHE C 149 -0.47 -2.99 25.46
C PHE C 149 -0.99 -3.24 26.90
N GLU C 150 -1.62 -4.39 27.09
CA GLU C 150 -2.10 -4.78 28.42
C GLU C 150 -0.92 -4.88 29.41
N GLN C 151 0.14 -5.56 29.01
CA GLN C 151 1.34 -5.71 29.83
C GLN C 151 1.93 -4.34 30.13
N VAL C 152 2.00 -3.44 29.12
CA VAL C 152 2.56 -2.10 29.38
C VAL C 152 1.64 -1.34 30.34
N ALA C 153 0.33 -1.41 30.10
CA ALA C 153 -0.61 -0.75 31.00
C ALA C 153 -0.61 -1.34 32.41
N ASP C 154 -0.40 -2.63 32.53
CA ASP C 154 -0.35 -3.25 33.88
C ASP C 154 0.96 -3.00 34.56
N SER C 155 1.93 -2.40 33.90
CA SER C 155 3.24 -2.16 34.55
C SER C 155 3.33 -0.88 35.32
N VAL C 156 2.35 -0.01 35.16
CA VAL C 156 2.31 1.26 35.83
C VAL C 156 0.91 1.49 36.38
N THR C 157 0.75 2.41 37.35
CA THR C 157 -0.57 2.78 37.81
C THR C 157 -0.98 4.10 37.17
N LEU C 158 -0.16 4.62 36.27
CA LEU C 158 -0.42 5.84 35.53
C LEU C 158 -1.44 5.67 34.41
N PRO C 159 -2.05 6.76 33.99
CA PRO C 159 -2.79 6.67 32.73
C PRO C 159 -1.89 6.51 31.50
N VAL C 160 -2.40 5.72 30.55
CA VAL C 160 -1.71 5.40 29.31
C VAL C 160 -2.48 5.92 28.09
N MET C 161 -1.81 6.73 27.31
CA MET C 161 -2.26 7.16 26.01
C MET C 161 -1.61 6.30 24.93
N LEU C 162 -2.44 5.76 24.05
CA LEU C 162 -1.97 5.04 22.86
C LEU C 162 -1.48 6.08 21.81
N TYR C 163 -0.66 5.60 20.92
CA TYR C 163 -0.11 6.45 19.87
C TYR C 163 -0.20 5.72 18.59
N ASN C 164 -1.01 6.25 17.66
CA ASN C 164 -1.14 5.69 16.35
C ASN C 164 -0.46 6.56 15.35
N PHE C 165 0.46 5.98 14.57
CA PHE C 165 1.20 6.69 13.50
C PHE C 165 1.44 5.72 12.34
N PRO C 166 0.34 5.36 11.65
CA PRO C 166 0.51 4.25 10.73
C PRO C 166 1.46 4.49 9.57
N ALA C 167 1.59 5.75 9.14
CA ALA C 167 2.53 6.06 8.06
C ALA C 167 3.92 5.58 8.41
N LEU C 168 4.29 5.69 9.69
CA LEU C 168 5.58 5.24 10.12
C LEU C 168 5.62 3.79 10.65
N THR C 169 4.58 3.38 11.36
CA THR C 169 4.56 2.04 11.97
C THR C 169 4.26 0.95 10.97
N GLY C 170 3.53 1.22 9.88
CA GLY C 170 3.08 0.15 8.99
C GLY C 170 1.95 -0.64 9.60
N GLN C 171 1.37 -0.20 10.70
CA GLN C 171 0.29 -1.01 11.33
C GLN C 171 -0.64 -0.11 12.07
N ASP C 172 -1.84 0.00 11.54
CA ASP C 172 -2.85 0.89 12.06
C ASP C 172 -3.46 0.36 13.38
N LEU C 173 -3.64 1.27 14.33
CA LEU C 173 -4.46 1.02 15.50
C LEU C 173 -5.85 1.43 15.11
N THR C 174 -6.69 0.47 14.70
CA THR C 174 -7.99 0.72 14.19
C THR C 174 -8.91 1.08 15.33
N PRO C 175 -10.00 1.79 15.04
CA PRO C 175 -10.94 2.18 16.14
C PRO C 175 -11.48 0.94 16.90
N ALA C 176 -11.72 -0.15 16.19
CA ALA C 176 -12.14 -1.42 16.86
C ALA C 176 -11.07 -1.91 17.81
N LEU C 177 -9.82 -1.94 17.37
CA LEU C 177 -8.75 -2.41 18.25
C LEU C 177 -8.54 -1.53 19.49
N VAL C 178 -8.63 -0.22 19.28
CA VAL C 178 -8.51 0.75 20.35
C VAL C 178 -9.70 0.58 21.32
N LYS C 179 -10.89 0.34 20.78
CA LYS C 179 -12.01 0.06 21.67
C LYS C 179 -11.76 -1.19 22.53
N THR C 180 -11.30 -2.25 21.89
CA THR C 180 -10.92 -3.47 22.59
C THR C 180 -9.89 -3.17 23.69
N LEU C 181 -8.93 -2.28 23.43
CA LEU C 181 -7.94 -2.00 24.47
C LEU C 181 -8.57 -1.22 25.61
N ALA C 182 -9.38 -0.23 25.24
CA ALA C 182 -10.04 0.58 26.26
C ALA C 182 -11.04 -0.28 27.11
N ASP C 183 -11.69 -1.23 26.47
CA ASP C 183 -12.60 -2.17 27.15
C ASP C 183 -11.79 -3.02 28.13
N SER C 184 -10.55 -3.34 27.78
CA SER C 184 -9.73 -4.26 28.53
C SER C 184 -9.03 -3.67 29.75
N ARG C 185 -8.61 -2.41 29.67
CA ARG C 185 -7.88 -1.76 30.77
C ARG C 185 -8.31 -0.33 31.05
N SER C 186 -8.76 -0.09 32.28
CA SER C 186 -9.34 1.21 32.62
C SER C 186 -8.30 2.33 32.62
N ASN C 187 -7.03 1.99 32.61
CA ASN C 187 -5.99 3.05 32.50
C ASN C 187 -5.54 3.36 31.07
N ILE C 188 -6.12 2.68 30.08
CA ILE C 188 -5.87 3.06 28.70
C ILE C 188 -6.94 4.05 28.36
N ILE C 189 -6.57 5.33 28.32
CA ILE C 189 -7.56 6.40 28.50
C ILE C 189 -7.57 7.44 27.38
N GLY C 190 -6.78 7.15 26.36
CA GLY C 190 -6.80 8.00 25.18
C GLY C 190 -5.86 7.55 24.06
N ILE C 191 -5.85 8.37 23.01
CA ILE C 191 -5.02 8.12 21.85
C ILE C 191 -4.62 9.42 21.17
N LYS C 192 -3.38 9.41 20.69
CA LYS C 192 -2.85 10.40 19.72
C LYS C 192 -2.94 9.75 18.35
N ASP C 193 -3.85 10.24 17.51
CA ASP C 193 -4.18 9.61 16.23
C ASP C 193 -3.56 10.48 15.16
N THR C 194 -2.39 10.04 14.72
CA THR C 194 -1.51 10.79 13.81
C THR C 194 -1.71 10.21 12.41
N ILE C 195 -2.69 10.79 11.72
CA ILE C 195 -3.10 10.34 10.40
C ILE C 195 -3.79 11.50 9.67
N ASP C 196 -3.53 11.62 8.39
CA ASP C 196 -4.24 12.65 7.62
C ASP C 196 -5.54 11.98 7.07
N SER C 197 -6.51 11.80 7.95
CA SER C 197 -7.76 11.11 7.63
C SER C 197 -8.86 11.58 8.59
N VAL C 198 -9.85 12.28 8.03
CA VAL C 198 -11.02 12.63 8.75
C VAL C 198 -11.80 11.37 9.12
N ALA C 199 -11.89 10.42 8.19
CA ALA C 199 -12.59 9.15 8.45
C ALA C 199 -12.06 8.41 9.68
N HIS C 200 -10.72 8.38 9.81
CA HIS C 200 -10.09 7.65 10.90
C HIS C 200 -10.40 8.33 12.23
N LEU C 201 -10.32 9.63 12.24
CA LEU C 201 -10.60 10.40 13.45
C LEU C 201 -12.09 10.30 13.83
N ARG C 202 -12.98 10.40 12.83
CA ARG C 202 -14.40 10.31 13.05
C ARG C 202 -14.74 8.94 13.67
N SER C 203 -14.14 7.91 13.12
CA SER C 203 -14.51 6.54 13.50
C SER C 203 -13.92 6.26 14.92
N MET C 204 -12.76 6.86 15.18
CA MET C 204 -12.10 6.69 16.47
C MET C 204 -12.95 7.25 17.56
N ILE C 205 -13.44 8.47 17.32
CA ILE C 205 -14.34 9.13 18.19
C ILE C 205 -15.68 8.37 18.34
N HIS C 206 -16.34 8.04 17.24
CA HIS C 206 -17.63 7.27 17.34
C HIS C 206 -17.50 5.91 18.00
N THR C 207 -16.55 5.10 17.53
CA THR C 207 -16.36 3.75 18.03
C THR C 207 -15.82 3.76 19.48
N VAL C 208 -14.82 4.58 19.79
CA VAL C 208 -14.24 4.49 21.14
C VAL C 208 -14.94 5.40 22.16
N LYS C 209 -15.15 6.68 21.79
CA LYS C 209 -15.82 7.59 22.76
C LYS C 209 -17.25 7.23 22.94
N GLY C 210 -17.89 6.69 21.89
CA GLY C 210 -19.18 6.05 21.99
C GLY C 210 -19.24 5.07 23.15
N ALA C 211 -18.24 4.22 23.27
CA ALA C 211 -18.24 3.21 24.32
C ALA C 211 -17.65 3.73 25.61
N HIS C 212 -16.86 4.80 25.55
CA HIS C 212 -16.08 5.31 26.69
C HIS C 212 -16.07 6.82 26.54
N PRO C 213 -17.07 7.50 27.08
CA PRO C 213 -17.29 8.93 26.75
C PRO C 213 -16.16 9.83 27.18
N HIS C 214 -15.42 9.40 28.18
CA HIS C 214 -14.30 10.17 28.65
C HIS C 214 -12.95 9.76 28.10
N PHE C 215 -12.90 8.79 27.16
CA PHE C 215 -11.67 8.42 26.47
C PHE C 215 -11.20 9.61 25.65
N THR C 216 -9.93 9.96 25.76
CA THR C 216 -9.47 11.13 25.04
C THR C 216 -8.95 10.88 23.62
N VAL C 217 -9.45 11.64 22.66
CA VAL C 217 -9.00 11.55 21.28
C VAL C 217 -8.33 12.84 20.84
N LEU C 218 -7.04 12.74 20.54
CA LEU C 218 -6.26 13.91 20.11
C LEU C 218 -5.68 13.60 18.74
N CYS C 219 -5.70 14.55 17.81
CA CYS C 219 -5.12 14.35 16.55
C CYS C 219 -3.66 14.70 16.66
N GLY C 220 -2.87 14.16 15.75
CA GLY C 220 -1.48 14.36 15.71
C GLY C 220 -1.03 15.36 14.69
N TYR C 221 -1.96 15.84 13.87
CA TYR C 221 -1.65 16.80 12.87
C TYR C 221 -2.37 18.13 13.06
N ASP C 222 -1.63 19.20 12.74
CA ASP C 222 -2.04 20.62 12.96
C ASP C 222 -3.36 20.90 12.27
N ASP C 223 -3.46 20.43 11.05
CA ASP C 223 -4.58 20.76 10.20
C ASP C 223 -5.84 19.95 10.47
N HIS C 224 -5.80 19.07 11.49
CA HIS C 224 -6.97 18.32 11.88
C HIS C 224 -7.61 18.70 13.23
N LEU C 225 -7.03 19.69 13.91
CA LEU C 225 -7.50 20.13 15.25
C LEU C 225 -8.94 20.62 15.18
N PHE C 226 -9.23 21.52 14.26
CA PHE C 226 -10.60 22.07 14.15
C PHE C 226 -11.61 20.95 13.93
N ASN C 227 -11.36 20.14 12.90
CA ASN C 227 -12.24 19.01 12.66
C ASN C 227 -12.36 18.08 13.88
N THR C 228 -11.25 17.79 14.55
CA THR C 228 -11.27 16.93 15.71
C THR C 228 -12.23 17.47 16.73
N LEU C 229 -12.17 18.77 16.98
CA LEU C 229 -13.08 19.37 17.94
C LEU C 229 -14.53 19.33 17.46
N LEU C 230 -14.78 19.64 16.20
CA LEU C 230 -16.13 19.59 15.67
C LEU C 230 -16.77 18.19 15.68
N LEU C 231 -15.92 17.17 15.50
CA LEU C 231 -16.29 15.78 15.57
C LEU C 231 -16.59 15.27 17.00
N GLY C 232 -16.29 16.01 18.06
CA GLY C 232 -16.50 15.51 19.43
C GLY C 232 -15.24 14.98 20.10
N GLY C 233 -14.10 15.20 19.42
CA GLY C 233 -12.80 14.84 19.92
C GLY C 233 -12.28 15.95 20.85
N ASP C 234 -11.06 15.75 21.35
CA ASP C 234 -10.56 16.50 22.51
C ASP C 234 -9.39 17.50 22.33
N GLY C 235 -8.76 17.55 21.15
CA GLY C 235 -7.58 18.42 21.00
C GLY C 235 -6.53 17.82 20.11
N ALA C 236 -5.29 18.29 20.30
CA ALA C 236 -4.17 18.00 19.41
C ALA C 236 -2.83 17.98 20.11
N ILE C 237 -2.03 17.02 19.68
CA ILE C 237 -0.63 16.95 19.92
C ILE C 237 0.01 17.11 18.59
N SER C 238 0.43 18.30 18.24
CA SER C 238 0.93 18.54 16.87
C SER C 238 2.11 19.48 16.88
N ALA C 239 2.95 19.37 15.85
CA ALA C 239 4.29 19.97 15.85
C ALA C 239 4.32 21.52 15.96
N SER C 240 3.30 22.18 15.43
CA SER C 240 3.28 23.65 15.47
C SER C 240 3.01 24.17 16.88
N GLY C 241 2.65 23.26 17.77
CA GLY C 241 2.69 23.56 19.19
C GLY C 241 4.04 24.11 19.65
N ASN C 242 5.13 23.69 19.02
CA ASN C 242 6.46 24.16 19.41
C ASN C 242 6.78 25.59 19.04
N PHE C 243 6.41 26.05 17.85
CA PHE C 243 6.79 27.37 17.37
C PHE C 243 5.66 28.38 17.26
N ALA C 244 4.43 27.89 17.26
CA ALA C 244 3.26 28.73 17.22
C ALA C 244 2.17 28.19 18.10
N PRO C 245 2.45 27.96 19.38
CA PRO C 245 1.43 27.34 20.24
C PRO C 245 0.16 28.20 20.33
N GLN C 246 0.33 29.51 20.15
CA GLN C 246 -0.78 30.48 20.31
C GLN C 246 -1.91 30.22 19.34
N VAL C 247 -1.58 29.68 18.15
CA VAL C 247 -2.60 29.42 17.15
C VAL C 247 -3.54 28.35 17.65
N SER C 248 -2.98 27.28 18.13
CA SER C 248 -3.77 26.18 18.65
C SER C 248 -4.47 26.55 19.98
N VAL C 249 -3.74 27.23 20.88
CA VAL C 249 -4.32 27.61 22.19
C VAL C 249 -5.50 28.56 21.96
N ASN C 250 -5.30 29.54 21.11
CA ASN C 250 -6.37 30.45 20.69
C ASN C 250 -7.51 29.82 19.95
N LEU C 251 -7.21 28.83 19.11
CA LEU C 251 -8.28 28.13 18.43
C LEU C 251 -9.13 27.44 19.50
N LEU C 252 -8.52 26.76 20.45
CA LEU C 252 -9.30 25.99 21.39
C LEU C 252 -10.15 26.91 22.32
N LYS C 253 -9.54 28.02 22.75
CA LYS C 253 -10.21 29.00 23.60
C LYS C 253 -11.46 29.58 22.87
N ALA C 254 -11.28 29.92 21.62
CA ALA C 254 -12.37 30.40 20.81
C ALA C 254 -13.46 29.36 20.73
N TRP C 255 -13.07 28.10 20.46
CA TRP C 255 -14.03 27.04 20.39
C TRP C 255 -14.77 26.87 21.73
N ARG C 256 -14.04 26.73 22.82
CA ARG C 256 -14.64 26.51 24.12
C ARG C 256 -15.51 27.72 24.51
N ASP C 257 -15.15 28.89 24.03
CA ASP C 257 -15.89 30.12 24.31
C ASP C 257 -17.12 30.20 23.43
N GLY C 258 -17.21 29.43 22.37
CA GLY C 258 -18.38 29.50 21.51
C GLY C 258 -18.24 30.43 20.32
N ASP C 259 -17.05 30.99 20.14
CA ASP C 259 -16.78 31.84 18.96
C ASP C 259 -16.12 31.00 17.81
N VAL C 260 -17.01 30.29 17.09
CA VAL C 260 -16.63 29.39 16.04
C VAL C 260 -16.03 30.11 14.86
N ALA C 261 -16.48 31.32 14.56
CA ALA C 261 -15.84 32.07 13.48
C ALA C 261 -14.37 32.35 13.80
N LYS C 262 -14.11 32.70 15.04
CA LYS C 262 -12.76 33.02 15.43
C LYS C 262 -11.86 31.79 15.34
N ALA C 263 -12.37 30.67 15.86
CA ALA C 263 -11.70 29.36 15.81
C ALA C 263 -11.34 29.00 14.35
N ALA C 264 -12.30 29.16 13.46
CA ALA C 264 -12.12 28.86 12.02
C ALA C 264 -10.99 29.71 11.45
N GLY C 265 -10.87 30.93 11.94
CA GLY C 265 -9.78 31.80 11.51
C GLY C 265 -8.39 31.29 11.84
N TYR C 266 -8.19 30.94 13.10
CA TYR C 266 -7.00 30.18 13.51
C TYR C 266 -6.81 28.83 12.73
N HIS C 267 -7.89 28.14 12.44
CA HIS C 267 -7.80 26.91 11.67
C HIS C 267 -7.24 27.21 10.32
N GLN C 268 -7.60 28.36 9.74
CA GLN C 268 -7.11 28.65 8.41
C GLN C 268 -5.60 28.72 8.43
N THR C 269 -5.00 29.23 9.51
CA THR C 269 -3.55 29.22 9.63
C THR C 269 -2.99 27.81 9.84
N LEU C 270 -3.59 27.03 10.73
CA LEU C 270 -3.18 25.64 10.92
C LEU C 270 -3.29 24.77 9.64
N LEU C 271 -4.25 25.07 8.77
CA LEU C 271 -4.33 24.40 7.48
C LEU C 271 -3.11 24.62 6.64
N GLN C 272 -2.47 25.78 6.74
CA GLN C 272 -1.34 26.14 5.85
C GLN C 272 0.02 25.71 6.36
N ILE C 273 0.15 25.63 7.68
CA ILE C 273 1.43 25.35 8.35
C ILE C 273 2.12 24.09 7.85
N PRO C 274 1.38 22.97 7.65
CA PRO C 274 2.10 21.73 7.27
C PRO C 274 2.86 21.73 5.95
N GLN C 275 2.67 22.75 5.16
CA GLN C 275 3.50 23.01 4.00
C GLN C 275 4.99 22.86 4.32
N MET C 276 5.38 23.46 5.44
CA MET C 276 6.74 23.51 5.80
C MET C 276 7.35 22.15 6.08
N TYR C 277 6.56 21.19 6.53
CA TYR C 277 7.13 19.89 6.87
C TYR C 277 7.59 19.10 5.63
N GLN C 278 7.22 19.59 4.46
CA GLN C 278 7.65 19.00 3.18
C GLN C 278 9.15 19.30 2.94
N LEU C 279 9.72 20.25 3.71
CA LEU C 279 11.06 20.72 3.40
C LEU C 279 12.15 19.67 3.69
N ASP C 280 11.86 18.73 4.56
CA ASP C 280 12.78 17.63 4.75
C ASP C 280 12.11 16.38 5.43
N THR C 281 12.78 15.24 5.33
CA THR C 281 12.31 14.02 6.02
C THR C 281 13.50 13.33 6.62
N PRO C 282 13.52 13.19 7.95
CA PRO C 282 12.54 13.72 8.95
C PRO C 282 12.47 15.25 8.97
N PHE C 283 11.40 15.77 9.56
CA PHE C 283 11.25 17.24 9.60
C PHE C 283 11.39 17.85 10.98
N VAL C 284 12.04 17.14 11.89
CA VAL C 284 12.34 17.66 13.22
C VAL C 284 13.34 18.85 13.14
N ASN C 285 14.21 18.84 12.13
CA ASN C 285 15.02 20.01 11.82
C ASN C 285 14.21 21.26 11.52
N VAL C 286 13.19 21.12 10.65
CA VAL C 286 12.29 22.24 10.26
C VAL C 286 11.59 22.83 11.50
N ILE C 287 11.13 21.93 12.37
CA ILE C 287 10.39 22.38 13.56
C ILE C 287 11.34 23.26 14.43
N LYS C 288 12.55 22.80 14.70
CA LYS C 288 13.47 23.57 15.55
C LYS C 288 13.85 24.90 14.85
N GLU C 289 14.00 24.91 13.52
CA GLU C 289 14.42 26.17 12.82
C GLU C 289 13.27 27.16 12.90
N ALA C 290 12.04 26.61 12.97
CA ALA C 290 10.86 27.38 13.05
C ALA C 290 10.77 28.01 14.48
N ILE C 291 11.12 27.22 15.49
CA ILE C 291 11.22 27.74 16.88
C ILE C 291 12.16 28.96 16.87
N VAL C 292 13.31 28.82 16.22
CA VAL C 292 14.24 29.94 16.13
C VAL C 292 13.63 31.12 15.40
N LEU C 293 13.15 30.89 14.20
CA LEU C 293 12.56 31.98 13.46
C LEU C 293 11.37 32.69 14.14
N CYS C 294 10.64 32.03 15.02
CA CYS C 294 9.53 32.64 15.72
C CYS C 294 9.93 33.27 17.05
N GLY C 295 11.22 33.39 17.30
CA GLY C 295 11.72 34.23 18.39
C GLY C 295 12.40 33.55 19.53
N ARG C 296 12.60 32.25 19.44
CA ARG C 296 13.28 31.54 20.53
C ARG C 296 14.59 30.89 20.04
N PRO C 297 15.74 31.49 20.36
CA PRO C 297 17.01 31.02 19.81
C PRO C 297 17.53 29.82 20.56
N VAL C 298 17.10 28.64 20.15
CA VAL C 298 17.50 27.37 20.72
C VAL C 298 18.45 26.83 19.69
N SER C 299 19.33 25.98 20.11
CA SER C 299 20.14 25.21 19.19
C SER C 299 19.23 24.30 18.32
N THR C 300 19.56 24.13 17.04
CA THR C 300 18.69 23.37 16.15
C THR C 300 19.31 22.00 15.79
N HIS C 301 20.37 21.59 16.47
CA HIS C 301 20.92 20.29 16.25
C HIS C 301 19.83 19.14 16.35
N VAL C 302 19.91 18.20 15.41
CA VAL C 302 19.04 17.00 15.37
C VAL C 302 19.96 15.76 15.28
N LEU C 303 19.48 14.63 15.77
CA LEU C 303 20.23 13.46 15.86
C LEU C 303 20.15 12.69 14.58
N PRO C 304 21.24 12.02 14.20
CA PRO C 304 21.18 11.18 12.99
C PRO C 304 20.18 10.08 13.19
N PRO C 305 19.52 9.65 12.11
CA PRO C 305 19.78 10.01 10.72
C PRO C 305 19.15 11.24 10.16
N ALA C 306 18.52 12.07 11.02
CA ALA C 306 18.16 13.44 10.59
C ALA C 306 19.47 14.27 10.34
N SER C 307 19.35 15.37 9.63
CA SER C 307 20.46 16.23 9.36
C SER C 307 20.01 17.69 9.27
N PRO C 308 20.96 18.65 9.34
CA PRO C 308 20.65 20.07 9.37
C PRO C 308 19.87 20.53 8.13
N LEU C 309 18.91 21.41 8.31
CA LEU C 309 18.20 21.98 7.19
C LEU C 309 19.17 22.92 6.48
N ASP C 310 19.22 22.90 5.17
CA ASP C 310 20.23 23.69 4.48
C ASP C 310 19.72 25.15 4.38
N GLU C 311 20.63 26.10 4.12
CA GLU C 311 20.25 27.53 4.01
C GLU C 311 19.12 27.88 3.01
N PRO C 312 19.12 27.31 1.80
CA PRO C 312 17.94 27.69 0.93
C PRO C 312 16.58 27.35 1.57
N ARG C 313 16.46 26.13 2.09
CA ARG C 313 15.25 25.73 2.75
C ARG C 313 14.94 26.47 4.05
N LYS C 314 15.96 26.81 4.81
CA LYS C 314 15.76 27.70 5.93
C LYS C 314 15.10 29.01 5.45
N ALA C 315 15.60 29.58 4.35
CA ALA C 315 15.03 30.83 3.79
C ALA C 315 13.59 30.62 3.30
N GLN C 316 13.31 29.48 2.66
CA GLN C 316 11.91 29.14 2.28
C GLN C 316 10.99 29.06 3.51
N LEU C 317 11.49 28.47 4.56
CA LEU C 317 10.72 28.34 5.81
C LEU C 317 10.46 29.75 6.34
N LYS C 318 11.48 30.59 6.37
CA LYS C 318 11.28 31.94 6.92
C LYS C 318 10.20 32.64 6.11
N THR C 319 10.25 32.49 4.82
CA THR C 319 9.28 33.15 3.95
C THR C 319 7.88 32.63 4.25
N LEU C 320 7.74 31.33 4.39
CA LEU C 320 6.45 30.78 4.77
C LEU C 320 5.88 31.31 6.12
N LEU C 321 6.70 31.32 7.17
CA LEU C 321 6.31 31.83 8.45
C LEU C 321 5.89 33.30 8.40
N GLN C 322 6.63 34.06 7.60
CA GLN C 322 6.27 35.46 7.34
C GLN C 322 4.89 35.54 6.69
N GLN C 323 4.69 34.82 5.61
CA GLN C 323 3.41 34.86 4.92
C GLN C 323 2.26 34.52 5.84
N LEU C 324 2.45 33.65 6.83
CA LEU C 324 1.36 33.23 7.73
C LEU C 324 1.28 34.10 8.98
N LYS C 325 2.19 35.06 9.09
CA LYS C 325 2.19 36.02 10.20
C LYS C 325 2.58 35.41 11.52
N LEU C 326 3.53 34.50 11.47
CA LEU C 326 4.00 33.79 12.68
C LEU C 326 5.38 34.27 13.12
N CYS C 327 5.96 35.16 12.34
CA CYS C 327 7.20 35.82 12.69
C CYS C 327 7.33 37.08 11.85
N ALA D 30 34.01 -12.26 -4.18
CA ALA D 30 32.69 -11.93 -3.49
C ALA D 30 32.67 -12.44 -2.09
N LEU D 31 32.24 -11.60 -1.16
CA LEU D 31 32.23 -11.97 0.26
C LEU D 31 30.90 -12.43 0.79
N PHE D 32 30.95 -13.27 1.80
CA PHE D 32 29.74 -13.75 2.46
C PHE D 32 28.76 -14.40 1.48
N THR D 33 29.29 -15.17 0.54
CA THR D 33 28.47 -15.99 -0.28
C THR D 33 28.05 -17.34 0.37
N GLY D 34 27.04 -17.97 -0.22
CA GLY D 34 26.58 -19.27 0.23
C GLY D 34 25.48 -19.23 1.22
N ILE D 35 25.49 -20.17 2.15
CA ILE D 35 24.44 -20.33 3.15
C ILE D 35 24.90 -19.81 4.49
N ILE D 36 24.25 -18.73 4.91
CA ILE D 36 24.58 -18.03 6.13
C ILE D 36 23.32 -17.88 6.96
N PRO D 37 23.12 -18.77 7.91
CA PRO D 37 21.91 -18.65 8.69
C PRO D 37 21.79 -17.39 9.56
N PRO D 38 20.56 -16.82 9.65
CA PRO D 38 20.25 -15.87 10.64
C PRO D 38 19.99 -16.58 11.96
N VAL D 39 21.06 -16.68 12.77
CA VAL D 39 21.05 -17.56 13.96
C VAL D 39 20.07 -17.04 14.99
N SER D 40 19.21 -17.92 15.51
CA SER D 40 18.41 -17.57 16.63
C SER D 40 19.34 -17.37 17.86
N THR D 41 19.01 -16.39 18.69
CA THR D 41 19.63 -16.20 19.99
C THR D 41 18.84 -17.00 21.00
N ILE D 42 19.51 -17.89 21.75
CA ILE D 42 18.80 -18.71 22.73
C ILE D 42 18.78 -18.03 24.09
N PHE D 43 17.58 -17.89 24.67
CA PHE D 43 17.39 -17.27 25.96
C PHE D 43 16.89 -18.29 26.94
N THR D 44 17.20 -18.05 28.21
CA THR D 44 16.71 -18.89 29.30
C THR D 44 15.27 -18.49 29.58
N ALA D 45 14.60 -19.31 30.41
CA ALA D 45 13.23 -19.07 30.85
C ALA D 45 13.17 -17.73 31.52
N ASP D 46 14.24 -17.30 32.19
CA ASP D 46 14.22 -15.96 32.85
C ASP D 46 14.82 -14.87 31.96
N GLY D 47 14.79 -15.09 30.65
CA GLY D 47 15.16 -14.10 29.66
C GLY D 47 16.60 -13.65 29.58
N GLN D 48 17.53 -14.47 30.03
CA GLN D 48 18.95 -14.17 29.89
C GLN D 48 19.47 -14.91 28.66
N LEU D 49 20.55 -14.42 28.09
CA LEU D 49 21.29 -15.16 27.08
C LEU D 49 21.61 -16.54 27.64
N ASP D 50 21.27 -17.54 26.85
CA ASP D 50 21.50 -18.91 27.17
C ASP D 50 22.76 -19.33 26.42
N LYS D 51 23.87 -19.31 27.13
CA LYS D 51 25.16 -19.49 26.48
C LYS D 51 25.37 -20.94 26.01
N PRO D 52 25.13 -21.93 26.91
CA PRO D 52 25.20 -23.33 26.43
C PRO D 52 24.31 -23.63 25.21
N GLY D 53 23.04 -23.20 25.23
CA GLY D 53 22.14 -23.51 24.11
C GLY D 53 22.52 -22.74 22.85
N THR D 54 22.80 -21.45 22.99
CA THR D 54 23.24 -20.71 21.80
C THR D 54 24.52 -21.35 21.24
N ALA D 55 25.44 -21.75 22.11
CA ALA D 55 26.71 -22.38 21.65
C ALA D 55 26.48 -23.73 20.95
N ALA D 56 25.61 -24.56 21.50
CA ALA D 56 25.29 -25.84 20.82
C ALA D 56 24.71 -25.61 19.40
N LEU D 57 23.85 -24.62 19.28
CA LEU D 57 23.22 -24.29 18.01
C LEU D 57 24.27 -23.85 17.04
N ILE D 58 25.12 -22.96 17.50
CA ILE D 58 26.19 -22.51 16.61
C ILE D 58 27.03 -23.73 16.15
N ASP D 59 27.38 -24.61 17.09
CA ASP D 59 28.18 -25.78 16.70
C ASP D 59 27.45 -26.69 15.69
N ASP D 60 26.16 -26.99 15.96
CA ASP D 60 25.33 -27.76 14.98
C ASP D 60 25.40 -27.17 13.59
N LEU D 61 25.24 -25.85 13.52
CA LEU D 61 25.21 -25.17 12.19
C LEU D 61 26.55 -25.27 11.46
N ILE D 62 27.66 -25.06 12.18
CA ILE D 62 29.01 -25.22 11.59
C ILE D 62 29.24 -26.64 11.11
N LYS D 63 28.85 -27.60 11.94
CA LYS D 63 28.96 -29.05 11.57
C LYS D 63 28.18 -29.34 10.28
N ALA D 64 27.05 -28.63 10.08
CA ALA D 64 26.16 -28.88 8.92
C ALA D 64 26.75 -28.30 7.66
N GLY D 65 27.84 -27.53 7.80
CA GLY D 65 28.57 -27.10 6.65
C GLY D 65 28.16 -25.72 6.11
N VAL D 66 27.63 -24.84 6.96
CA VAL D 66 27.21 -23.49 6.52
C VAL D 66 28.44 -22.64 6.19
N ASP D 67 28.26 -21.61 5.37
CA ASP D 67 29.37 -20.79 4.91
C ASP D 67 29.66 -19.59 5.80
N GLY D 68 28.84 -19.38 6.81
CA GLY D 68 29.00 -18.29 7.75
C GLY D 68 27.80 -18.26 8.67
N LEU D 69 27.85 -17.39 9.67
CA LEU D 69 26.76 -17.22 10.62
C LEU D 69 26.48 -15.76 10.89
N PHE D 70 25.17 -15.45 10.93
CA PHE D 70 24.69 -14.08 11.09
C PHE D 70 23.94 -13.98 12.39
N PHE D 71 24.49 -13.19 13.31
CA PHE D 71 23.83 -13.01 14.59
C PHE D 71 23.18 -11.63 14.66
N LEU D 72 22.08 -11.61 15.38
CA LEU D 72 21.34 -10.39 15.64
C LEU D 72 20.71 -9.84 14.38
N GLY D 73 20.32 -10.75 13.50
CA GLY D 73 19.27 -10.49 12.52
C GLY D 73 17.89 -10.38 13.10
N SER D 74 16.90 -10.24 12.22
CA SER D 74 15.48 -10.17 12.62
C SER D 74 15.13 -11.40 13.41
N GLY D 75 15.55 -12.53 12.86
CA GLY D 75 15.35 -13.83 13.53
C GLY D 75 16.10 -13.97 14.89
N GLY D 76 17.23 -13.24 15.03
CA GLY D 76 18.04 -13.18 16.26
C GLY D 76 17.52 -12.26 17.30
N GLU D 77 16.39 -11.61 16.97
CA GLU D 77 15.65 -10.70 17.87
C GLU D 77 16.35 -9.35 18.20
N PHE D 78 17.12 -8.80 17.26
CA PHE D 78 17.85 -7.55 17.52
C PHE D 78 16.94 -6.45 18.03
N SER D 79 15.72 -6.44 17.49
CA SER D 79 14.83 -5.36 17.73
C SER D 79 14.18 -5.40 19.11
N GLN D 80 14.26 -6.54 19.79
CA GLN D 80 13.72 -6.66 21.13
C GLN D 80 14.83 -6.60 22.23
N LEU D 81 16.08 -6.31 21.85
CA LEU D 81 17.24 -6.29 22.76
C LEU D 81 17.79 -4.88 22.93
N GLY D 82 18.33 -4.60 24.11
CA GLY D 82 19.00 -3.34 24.32
C GLY D 82 20.40 -3.39 23.76
N ALA D 83 20.96 -2.25 23.55
CA ALA D 83 22.27 -2.14 22.98
C ALA D 83 23.31 -2.90 23.80
N GLU D 84 23.28 -2.77 25.12
CA GLU D 84 24.33 -3.51 25.91
C GLU D 84 24.15 -5.02 25.77
N GLU D 85 22.89 -5.46 25.80
CA GLU D 85 22.53 -6.83 25.50
C GLU D 85 23.06 -7.32 24.17
N ARG D 86 22.84 -6.54 23.09
CA ARG D 86 23.40 -6.85 21.79
C ARG D 86 24.92 -7.00 21.78
N LYS D 87 25.60 -6.11 22.49
CA LYS D 87 27.09 -6.18 22.54
C LYS D 87 27.52 -7.46 23.18
N ALA D 88 26.82 -7.85 24.29
CA ALA D 88 27.20 -9.05 25.07
C ALA D 88 26.97 -10.25 24.20
N ILE D 89 25.82 -10.26 23.50
CA ILE D 89 25.53 -11.39 22.60
C ILE D 89 26.57 -11.55 21.48
N ALA D 90 26.89 -10.47 20.79
CA ALA D 90 27.84 -10.48 19.68
C ALA D 90 29.20 -10.98 20.14
N ARG D 91 29.67 -10.47 21.28
CA ARG D 91 31.03 -10.91 21.78
C ARG D 91 31.07 -12.42 22.08
N PHE D 92 30.07 -12.88 22.83
CA PHE D 92 29.94 -14.29 23.09
C PHE D 92 29.92 -15.05 21.79
N ALA D 93 29.10 -14.63 20.85
CA ALA D 93 28.96 -15.43 19.62
C ALA D 93 30.22 -15.41 18.79
N ILE D 94 30.82 -14.25 18.63
CA ILE D 94 32.09 -14.20 17.91
C ILE D 94 33.12 -15.16 18.57
N ASP D 95 33.24 -15.05 19.89
CA ASP D 95 34.29 -15.78 20.65
C ASP D 95 33.97 -17.24 20.56
N HIS D 96 32.68 -17.60 20.60
CA HIS D 96 32.36 -19.04 20.44
C HIS D 96 32.62 -19.62 19.12
N VAL D 97 32.26 -18.91 18.07
CA VAL D 97 32.62 -19.33 16.72
C VAL D 97 34.15 -19.44 16.57
N ASP D 98 34.91 -18.52 17.14
CA ASP D 98 36.41 -18.69 17.18
C ASP D 98 36.99 -18.84 15.79
N ARG D 99 36.55 -17.97 14.89
CA ARG D 99 36.96 -17.97 13.48
C ARG D 99 36.73 -19.23 12.65
N ARG D 100 35.90 -20.18 13.09
CA ARG D 100 35.66 -21.39 12.26
C ARG D 100 34.95 -21.10 10.92
N VAL D 101 34.03 -20.16 10.93
CA VAL D 101 33.40 -19.67 9.68
C VAL D 101 33.30 -18.12 9.84
N PRO D 102 33.11 -17.38 8.75
CA PRO D 102 32.84 -15.95 8.81
C PRO D 102 31.64 -15.55 9.65
N VAL D 103 31.80 -14.52 10.46
CA VAL D 103 30.74 -14.06 11.34
C VAL D 103 30.29 -12.66 10.93
N LEU D 104 28.97 -12.52 10.76
CA LEU D 104 28.28 -11.25 10.58
C LEU D 104 27.49 -10.92 11.79
N ILE D 105 27.53 -9.64 12.15
CA ILE D 105 26.75 -9.06 13.19
C ILE D 105 25.76 -8.00 12.66
N GLY D 106 24.45 -8.19 13.00
CA GLY D 106 23.45 -7.14 12.83
C GLY D 106 23.48 -5.98 13.78
N THR D 107 23.73 -4.78 13.27
CA THR D 107 24.03 -3.67 14.17
C THR D 107 23.06 -2.51 13.96
N GLY D 108 22.04 -2.76 13.14
CA GLY D 108 21.08 -1.70 12.80
C GLY D 108 19.95 -1.47 13.75
N GLY D 109 19.14 -0.49 13.37
CA GLY D 109 18.04 -0.01 14.18
C GLY D 109 17.66 1.36 13.73
N THR D 110 17.07 2.16 14.61
CA THR D 110 16.69 3.54 14.31
C THR D 110 17.63 4.61 14.83
N ASN D 111 18.32 4.27 15.93
CA ASN D 111 19.24 5.16 16.57
C ASN D 111 20.60 5.05 15.83
N ALA D 112 20.91 6.00 14.97
CA ALA D 112 22.08 5.94 14.14
C ALA D 112 23.38 5.96 14.90
N ARG D 113 23.40 6.73 15.97
CA ARG D 113 24.58 6.76 16.86
C ARG D 113 24.81 5.37 17.45
N GLU D 114 23.75 4.70 17.83
CA GLU D 114 23.89 3.36 18.29
C GLU D 114 24.31 2.36 17.23
N THR D 115 23.85 2.55 15.99
CA THR D 115 24.36 1.71 14.92
C THR D 115 25.90 1.80 14.88
N ILE D 116 26.41 3.05 14.93
CA ILE D 116 27.88 3.20 14.81
C ILE D 116 28.59 2.55 16.02
N GLU D 117 28.08 2.79 17.21
CA GLU D 117 28.65 2.16 18.41
C GLU D 117 28.67 0.62 18.28
N LEU D 118 27.53 0.05 17.88
CA LEU D 118 27.43 -1.40 17.78
C LEU D 118 28.34 -1.90 16.71
N SER D 119 28.41 -1.19 15.58
CA SER D 119 29.29 -1.59 14.51
C SER D 119 30.80 -1.55 14.87
N GLN D 120 31.22 -0.45 15.51
CA GLN D 120 32.62 -0.36 16.00
C GLN D 120 32.89 -1.44 17.05
N HIS D 121 31.91 -1.71 17.92
CA HIS D 121 32.07 -2.79 18.90
C HIS D 121 32.23 -4.15 18.22
N ALA D 122 31.47 -4.37 17.13
CA ALA D 122 31.61 -5.62 16.38
C ALA D 122 32.99 -5.79 15.74
N GLN D 123 33.53 -4.70 15.19
CA GLN D 123 34.86 -4.74 14.63
C GLN D 123 35.86 -5.01 15.76
N GLN D 124 35.75 -4.27 16.84
CA GLN D 124 36.65 -4.46 17.97
C GLN D 124 36.57 -5.86 18.60
N ALA D 125 35.37 -6.43 18.66
CA ALA D 125 35.18 -7.80 19.18
C ALA D 125 35.67 -8.88 18.22
N GLY D 126 35.90 -8.57 16.97
CA GLY D 126 36.43 -9.62 16.09
C GLY D 126 35.50 -10.14 15.02
N ALA D 127 34.38 -9.46 14.77
CA ALA D 127 33.44 -9.86 13.70
C ALA D 127 34.06 -9.77 12.36
N ASP D 128 33.57 -10.55 11.41
CA ASP D 128 34.07 -10.43 10.02
C ASP D 128 33.32 -9.42 9.17
N GLY D 129 32.11 -9.08 9.58
CA GLY D 129 31.32 -8.07 8.84
C GLY D 129 30.11 -7.70 9.63
N ILE D 130 29.42 -6.66 9.19
CA ILE D 130 28.16 -6.22 9.81
C ILE D 130 27.01 -6.22 8.79
N VAL D 131 25.76 -6.28 9.28
CA VAL D 131 24.59 -6.24 8.39
C VAL D 131 23.73 -5.10 8.86
N VAL D 132 23.44 -4.16 7.97
CA VAL D 132 22.77 -2.99 8.40
C VAL D 132 21.49 -2.75 7.64
N ILE D 133 20.37 -2.78 8.35
CA ILE D 133 19.06 -2.40 7.77
C ILE D 133 18.94 -0.89 7.70
N ASN D 134 18.06 -0.42 6.84
CA ASN D 134 17.70 0.97 6.82
C ASN D 134 16.87 1.32 8.06
N PRO D 135 16.93 2.60 8.52
CA PRO D 135 16.12 3.02 9.65
C PRO D 135 14.65 2.81 9.32
N TYR D 136 13.90 2.31 10.31
CA TYR D 136 12.58 1.72 10.02
C TYR D 136 11.43 2.33 10.81
N TYR D 137 11.70 3.43 11.49
CA TYR D 137 10.63 4.20 12.01
C TYR D 137 10.35 5.33 10.99
N TRP D 138 11.01 6.46 11.12
CA TRP D 138 11.07 7.44 10.01
C TRP D 138 11.63 6.75 8.77
N LYS D 139 10.99 6.94 7.63
CA LYS D 139 11.57 6.52 6.33
C LYS D 139 12.26 7.81 5.85
N VAL D 140 13.56 7.88 6.08
CA VAL D 140 14.21 9.14 5.84
C VAL D 140 14.32 9.42 4.35
N SER D 141 14.54 10.67 3.99
CA SER D 141 14.80 11.08 2.60
C SER D 141 15.94 10.31 1.98
N GLU D 142 15.95 10.24 0.66
CA GLU D 142 17.01 9.56 -0.01
C GLU D 142 18.42 10.08 0.38
N ALA D 143 18.59 11.41 0.42
CA ALA D 143 19.84 12.05 0.83
C ALA D 143 20.26 11.59 2.23
N ASN D 144 19.33 11.58 3.17
CA ASN D 144 19.63 11.15 4.54
C ASN D 144 19.96 9.70 4.63
N LEU D 145 19.35 8.93 3.76
CA LEU D 145 19.55 7.45 3.75
C LEU D 145 20.93 7.08 3.25
N ILE D 146 21.32 7.71 2.16
CA ILE D 146 22.63 7.53 1.58
C ILE D 146 23.68 7.95 2.57
N ARG D 147 23.48 9.13 3.14
CA ARG D 147 24.33 9.63 4.18
C ARG D 147 24.47 8.67 5.35
N TYR D 148 23.36 8.09 5.79
CA TYR D 148 23.38 7.20 6.93
C TYR D 148 24.24 6.01 6.63
N PHE D 149 24.00 5.37 5.47
CA PHE D 149 24.78 4.18 5.11
C PHE D 149 26.29 4.57 4.92
N GLU D 150 26.53 5.72 4.31
CA GLU D 150 27.93 6.16 4.13
C GLU D 150 28.62 6.36 5.52
N GLN D 151 27.91 6.92 6.48
CA GLN D 151 28.49 7.14 7.80
C GLN D 151 28.75 5.86 8.54
N VAL D 152 27.83 4.94 8.37
CA VAL D 152 28.02 3.66 9.03
C VAL D 152 29.19 2.98 8.39
N ALA D 153 29.26 3.07 7.06
CA ALA D 153 30.33 2.36 6.36
C ALA D 153 31.71 3.01 6.66
N ASP D 154 31.69 4.29 6.92
CA ASP D 154 32.94 4.99 7.28
C ASP D 154 33.40 4.68 8.70
N SER D 155 32.50 4.16 9.53
CA SER D 155 32.78 4.01 10.92
C SER D 155 33.58 2.78 11.18
N VAL D 156 33.73 1.90 10.21
CA VAL D 156 34.34 0.61 10.46
C VAL D 156 35.19 0.30 9.29
N THR D 157 36.22 -0.54 9.42
CA THR D 157 36.86 -1.07 8.21
C THR D 157 36.26 -2.40 7.74
N LEU D 158 35.30 -2.93 8.46
CA LEU D 158 34.64 -4.16 8.04
C LEU D 158 33.85 -4.06 6.72
N PRO D 159 33.75 -5.17 6.05
CA PRO D 159 32.66 -5.29 5.05
C PRO D 159 31.23 -5.04 5.63
N VAL D 160 30.42 -4.32 4.87
CA VAL D 160 29.05 -4.00 5.27
C VAL D 160 28.12 -4.65 4.27
N MET D 161 27.18 -5.41 4.83
CA MET D 161 26.10 -5.96 4.07
C MET D 161 24.84 -5.14 4.39
N LEU D 162 24.17 -4.66 3.36
CA LEU D 162 22.91 -3.97 3.55
C LEU D 162 21.81 -5.01 3.79
N TYR D 163 20.70 -4.58 4.34
CA TYR D 163 19.60 -5.49 4.71
C TYR D 163 18.38 -4.77 4.26
N ASN D 164 17.76 -5.29 3.17
CA ASN D 164 16.44 -4.84 2.75
C ASN D 164 15.31 -5.74 3.27
N PHE D 165 14.29 -5.15 3.88
CA PHE D 165 13.15 -5.93 4.37
C PHE D 165 11.93 -5.01 4.31
N PRO D 166 11.51 -4.68 3.08
CA PRO D 166 10.52 -3.60 3.00
C PRO D 166 9.17 -3.92 3.64
N ALA D 167 8.83 -5.20 3.82
CA ALA D 167 7.58 -5.56 4.53
C ALA D 167 7.62 -5.03 5.94
N LEU D 168 8.78 -4.99 6.58
CA LEU D 168 8.90 -4.39 7.93
C LEU D 168 9.37 -2.93 8.02
N THR D 169 10.25 -2.56 7.10
CA THR D 169 10.78 -1.20 7.14
C THR D 169 9.87 -0.18 6.52
N GLY D 170 9.05 -0.57 5.56
CA GLY D 170 8.21 0.44 4.84
C GLY D 170 9.01 1.31 3.87
N GLN D 171 10.23 0.91 3.62
CA GLN D 171 11.05 1.64 2.68
C GLN D 171 12.00 0.72 1.96
N ASP D 172 11.79 0.57 0.66
CA ASP D 172 12.59 -0.35 -0.12
C ASP D 172 13.99 0.19 -0.42
N LEU D 173 14.97 -0.66 -0.38
CA LEU D 173 16.32 -0.36 -0.89
C LEU D 173 16.25 -0.82 -2.30
N THR D 174 16.07 0.11 -3.21
CA THR D 174 15.87 -0.27 -4.59
C THR D 174 17.21 -0.61 -5.21
N PRO D 175 17.18 -1.42 -6.29
CA PRO D 175 18.44 -1.75 -6.94
C PRO D 175 19.28 -0.53 -7.32
N ALA D 176 18.65 0.53 -7.78
CA ALA D 176 19.40 1.76 -8.14
C ALA D 176 20.10 2.36 -6.92
N LEU D 177 19.36 2.45 -5.84
CA LEU D 177 19.93 2.97 -4.57
C LEU D 177 21.11 2.17 -4.09
N VAL D 178 20.96 0.85 -4.12
CA VAL D 178 22.01 -0.09 -3.72
C VAL D 178 23.23 0.09 -4.61
N LYS D 179 23.06 0.24 -5.89
CA LYS D 179 24.21 0.46 -6.75
C LYS D 179 24.93 1.81 -6.44
N THR D 180 24.12 2.82 -6.15
CA THR D 180 24.66 4.15 -5.78
C THR D 180 25.51 3.94 -4.48
N LEU D 181 25.00 3.19 -3.52
CA LEU D 181 25.74 2.90 -2.30
C LEU D 181 27.08 2.16 -2.58
N ALA D 182 27.02 1.05 -3.35
CA ALA D 182 28.20 0.27 -3.78
C ALA D 182 29.21 1.16 -4.51
N ASP D 183 28.69 2.05 -5.35
CA ASP D 183 29.54 3.01 -6.04
C ASP D 183 30.23 3.90 -4.99
N SER D 184 29.50 4.32 -3.96
CA SER D 184 30.05 5.32 -3.02
C SER D 184 31.09 4.81 -2.06
N ARG D 185 30.85 3.63 -1.49
CA ARG D 185 31.75 3.08 -0.47
C ARG D 185 32.15 1.66 -0.83
N SER D 186 33.45 1.41 -0.88
CA SER D 186 34.01 0.16 -1.31
C SER D 186 33.89 -0.95 -0.31
N ASN D 187 33.53 -0.62 0.89
CA ASN D 187 33.21 -1.68 1.87
C ASN D 187 31.72 -2.02 1.97
N ILE D 188 30.89 -1.37 1.19
CA ILE D 188 29.48 -1.83 1.02
C ILE D 188 29.49 -2.86 -0.11
N ILE D 189 29.40 -4.12 0.29
CA ILE D 189 29.76 -5.22 -0.61
C ILE D 189 28.71 -6.32 -0.83
N GLY D 190 27.51 -6.11 -0.32
CA GLY D 190 26.42 -7.09 -0.51
C GLY D 190 25.15 -6.63 0.11
N ILE D 191 24.12 -7.47 -0.05
CA ILE D 191 22.77 -7.23 0.41
C ILE D 191 22.04 -8.53 0.71
N LYS D 192 21.30 -8.52 1.81
CA LYS D 192 20.34 -9.54 2.11
C LYS D 192 19.00 -8.91 1.69
N ASP D 193 18.40 -9.47 0.66
CA ASP D 193 17.20 -8.93 0.10
C ASP D 193 16.05 -9.81 0.51
N THR D 194 15.31 -9.33 1.48
CA THR D 194 14.21 -10.05 2.13
C THR D 194 12.90 -9.56 1.56
N ILE D 195 12.43 -10.24 0.53
CA ILE D 195 11.22 -9.87 -0.22
C ILE D 195 10.78 -11.08 -1.05
N ASP D 196 9.46 -11.33 -1.08
CA ASP D 196 8.89 -12.40 -1.85
C ASP D 196 8.65 -11.80 -3.26
N SER D 197 9.73 -11.69 -4.01
CA SER D 197 9.70 -11.10 -5.32
C SER D 197 10.84 -11.55 -6.17
N VAL D 198 10.50 -12.28 -7.22
CA VAL D 198 11.51 -12.65 -8.21
C VAL D 198 11.99 -11.41 -8.94
N ALA D 199 11.10 -10.48 -9.26
CA ALA D 199 11.54 -9.27 -9.99
C ALA D 199 12.60 -8.49 -9.16
N HIS D 200 12.37 -8.39 -7.86
CA HIS D 200 13.26 -7.51 -7.05
C HIS D 200 14.65 -8.15 -7.01
N LEU D 201 14.70 -9.48 -6.80
CA LEU D 201 15.97 -10.23 -6.83
C LEU D 201 16.63 -10.11 -8.17
N ARG D 202 15.88 -10.36 -9.23
CA ARG D 202 16.38 -10.25 -10.58
C ARG D 202 17.02 -8.90 -10.81
N SER D 203 16.28 -7.84 -10.49
CA SER D 203 16.75 -6.50 -10.82
C SER D 203 17.94 -6.06 -9.90
N MET D 204 17.96 -6.52 -8.64
CA MET D 204 19.07 -6.32 -7.74
C MET D 204 20.31 -6.90 -8.35
N ILE D 205 20.23 -8.15 -8.82
CA ILE D 205 21.33 -8.79 -9.46
C ILE D 205 21.78 -8.02 -10.72
N HIS D 206 20.88 -7.80 -11.68
CA HIS D 206 21.29 -7.17 -12.95
C HIS D 206 21.89 -5.78 -12.72
N THR D 207 21.24 -4.99 -11.90
CA THR D 207 21.63 -3.62 -11.67
C THR D 207 22.92 -3.54 -10.85
N VAL D 208 22.99 -4.20 -9.71
CA VAL D 208 24.15 -3.97 -8.87
C VAL D 208 25.30 -4.87 -9.29
N LYS D 209 25.05 -6.16 -9.48
CA LYS D 209 26.11 -7.03 -9.93
C LYS D 209 26.58 -6.70 -11.33
N GLY D 210 25.71 -6.13 -12.18
CA GLY D 210 26.15 -5.64 -13.48
C GLY D 210 27.22 -4.58 -13.38
N ALA D 211 27.09 -3.66 -12.41
CA ALA D 211 28.17 -2.67 -12.20
C ALA D 211 29.32 -3.21 -11.37
N HIS D 212 29.01 -4.09 -10.41
CA HIS D 212 29.99 -4.60 -9.45
C HIS D 212 29.87 -6.11 -9.41
N PRO D 213 30.63 -6.81 -10.31
CA PRO D 213 30.44 -8.28 -10.45
C PRO D 213 30.60 -9.05 -9.19
N HIS D 214 31.38 -8.56 -8.21
CA HIS D 214 31.55 -9.29 -6.95
C HIS D 214 30.72 -8.80 -5.77
N PHE D 215 29.78 -7.90 -6.00
CA PHE D 215 28.81 -7.52 -4.99
C PHE D 215 27.93 -8.76 -4.65
N THR D 216 27.71 -9.03 -3.39
CA THR D 216 27.01 -10.28 -3.00
C THR D 216 25.48 -10.07 -2.90
N VAL D 217 24.64 -10.89 -3.56
CA VAL D 217 23.19 -10.82 -3.39
C VAL D 217 22.69 -12.14 -2.79
N LEU D 218 22.20 -12.04 -1.59
CA LEU D 218 21.57 -13.16 -0.89
C LEU D 218 20.12 -12.87 -0.67
N CYS D 219 19.26 -13.89 -0.83
CA CYS D 219 17.87 -13.66 -0.60
C CYS D 219 17.63 -13.91 0.89
N GLY D 220 16.55 -13.35 1.43
CA GLY D 220 16.20 -13.55 2.82
C GLY D 220 15.15 -14.61 3.06
N TYR D 221 14.59 -15.18 1.99
CA TYR D 221 13.54 -16.26 2.08
C TYR D 221 14.01 -17.57 1.53
N ASP D 222 13.70 -18.63 2.25
CA ASP D 222 14.09 -19.99 1.90
C ASP D 222 13.64 -20.34 0.49
N ASP D 223 12.45 -19.91 0.13
CA ASP D 223 11.88 -20.36 -1.10
C ASP D 223 12.38 -19.58 -2.29
N HIS D 224 13.33 -18.66 -2.08
CA HIS D 224 13.92 -17.92 -3.15
C HIS D 224 15.43 -18.29 -3.40
N LEU D 225 15.98 -19.22 -2.63
CA LEU D 225 17.42 -19.63 -2.79
C LEU D 225 17.72 -20.11 -4.17
N PHE D 226 16.91 -21.05 -4.66
CA PHE D 226 17.13 -21.71 -5.94
C PHE D 226 17.07 -20.70 -7.05
N ASN D 227 16.02 -19.86 -7.04
CA ASN D 227 15.90 -18.81 -8.06
C ASN D 227 17.04 -17.83 -7.99
N THR D 228 17.38 -17.43 -6.76
CA THR D 228 18.55 -16.53 -6.54
C THR D 228 19.85 -17.03 -7.22
N LEU D 229 20.13 -18.32 -7.09
CA LEU D 229 21.31 -18.93 -7.74
C LEU D 229 21.16 -18.92 -9.25
N LEU D 230 19.96 -19.28 -9.73
CA LEU D 230 19.75 -19.35 -11.15
C LEU D 230 19.77 -17.96 -11.83
N LEU D 231 19.48 -16.95 -11.05
CA LEU D 231 19.49 -15.57 -11.51
C LEU D 231 20.89 -15.00 -11.55
N GLY D 232 21.87 -15.71 -10.99
CA GLY D 232 23.21 -15.18 -10.82
C GLY D 232 23.56 -14.53 -9.49
N GLY D 233 22.73 -14.71 -8.49
CA GLY D 233 23.05 -14.34 -7.13
C GLY D 233 23.82 -15.36 -6.39
N ASP D 234 23.96 -15.20 -5.06
CA ASP D 234 25.04 -15.82 -4.32
C ASP D 234 24.63 -16.71 -3.17
N GLY D 235 23.37 -16.78 -2.83
CA GLY D 235 22.99 -17.52 -1.58
C GLY D 235 21.80 -16.96 -0.86
N ALA D 236 21.71 -17.36 0.42
CA ALA D 236 20.62 -17.02 1.32
C ALA D 236 21.06 -16.89 2.74
N ILE D 237 20.39 -15.97 3.42
CA ILE D 237 20.27 -15.85 4.84
C ILE D 237 18.78 -16.05 5.09
N SER D 238 18.40 -17.25 5.48
CA SER D 238 17.00 -17.54 5.71
C SER D 238 16.78 -18.41 6.93
N ALA D 239 15.59 -18.28 7.50
CA ALA D 239 15.34 -18.85 8.83
C ALA D 239 15.54 -20.38 8.93
N SER D 240 15.26 -21.10 7.85
CA SER D 240 15.37 -22.59 7.89
C SER D 240 16.83 -23.10 8.09
N GLY D 241 17.76 -22.19 7.91
CA GLY D 241 19.14 -22.45 8.21
C GLY D 241 19.37 -22.82 9.66
N ASN D 242 18.48 -22.40 10.54
CA ASN D 242 18.58 -22.78 11.94
C ASN D 242 18.22 -24.26 12.22
N PHE D 243 17.18 -24.75 11.57
CA PHE D 243 16.64 -26.07 11.96
C PHE D 243 16.83 -27.11 10.91
N ALA D 244 17.01 -26.71 9.69
CA ALA D 244 17.27 -27.62 8.62
C ALA D 244 18.36 -27.07 7.67
N PRO D 245 19.52 -26.74 8.23
CA PRO D 245 20.58 -26.25 7.34
C PRO D 245 21.00 -27.14 6.18
N GLN D 246 21.01 -28.44 6.40
CA GLN D 246 21.40 -29.40 5.39
C GLN D 246 20.65 -29.18 4.08
N VAL D 247 19.41 -28.73 4.15
CA VAL D 247 18.62 -28.61 2.91
C VAL D 247 19.23 -27.56 2.00
N SER D 248 19.51 -26.42 2.59
CA SER D 248 20.16 -25.33 1.82
C SER D 248 21.62 -25.65 1.44
N VAL D 249 22.33 -26.17 2.43
CA VAL D 249 23.74 -26.56 2.20
C VAL D 249 23.80 -27.54 1.04
N ASN D 250 22.94 -28.54 1.06
CA ASN D 250 22.98 -29.57 -0.02
C ASN D 250 22.50 -29.03 -1.36
N LEU D 251 21.54 -28.12 -1.31
CA LEU D 251 21.14 -27.44 -2.55
C LEU D 251 22.33 -26.72 -3.15
N LEU D 252 23.02 -25.91 -2.35
CA LEU D 252 24.12 -25.10 -2.85
C LEU D 252 25.21 -26.01 -3.44
N LYS D 253 25.55 -27.06 -2.72
CA LYS D 253 26.56 -28.01 -3.15
C LYS D 253 26.16 -28.66 -4.49
N ALA D 254 24.91 -29.12 -4.59
CA ALA D 254 24.43 -29.66 -5.84
C ALA D 254 24.44 -28.68 -6.99
N TRP D 255 24.04 -27.45 -6.74
CA TRP D 255 24.14 -26.41 -7.76
C TRP D 255 25.60 -26.28 -8.21
N ARG D 256 26.51 -26.10 -7.26
CA ARG D 256 27.95 -25.93 -7.57
C ARG D 256 28.52 -27.21 -8.28
N ASP D 257 28.01 -28.36 -7.92
CA ASP D 257 28.45 -29.56 -8.62
C ASP D 257 27.86 -29.68 -10.03
N GLY D 258 26.97 -28.77 -10.43
CA GLY D 258 26.17 -28.93 -11.63
C GLY D 258 25.09 -30.02 -11.59
N ASP D 259 24.73 -30.54 -10.43
CA ASP D 259 23.64 -31.47 -10.34
C ASP D 259 22.32 -30.73 -10.07
N VAL D 260 21.80 -30.13 -11.15
CA VAL D 260 20.63 -29.24 -11.12
C VAL D 260 19.39 -29.94 -10.62
N ALA D 261 19.23 -31.16 -11.03
CA ALA D 261 18.07 -31.92 -10.63
C ALA D 261 18.04 -32.19 -9.14
N LYS D 262 19.23 -32.42 -8.57
CA LYS D 262 19.34 -32.64 -7.15
C LYS D 262 19.05 -31.35 -6.36
N ALA D 263 19.58 -30.23 -6.85
CA ALA D 263 19.32 -28.89 -6.30
C ALA D 263 17.77 -28.57 -6.32
N ALA D 264 17.15 -28.84 -7.45
CA ALA D 264 15.72 -28.67 -7.60
C ALA D 264 14.93 -29.51 -6.61
N GLY D 265 15.47 -30.67 -6.28
CA GLY D 265 14.86 -31.54 -5.24
C GLY D 265 14.85 -30.95 -3.86
N TYR D 266 15.96 -30.34 -3.48
CA TYR D 266 16.01 -29.59 -2.21
C TYR D 266 15.10 -28.34 -2.24
N HIS D 267 15.01 -27.71 -3.41
CA HIS D 267 14.23 -26.55 -3.60
C HIS D 267 12.76 -26.88 -3.31
N GLN D 268 12.36 -28.09 -3.70
CA GLN D 268 10.94 -28.47 -3.55
C GLN D 268 10.60 -28.44 -2.07
N THR D 269 11.59 -28.80 -1.27
CA THR D 269 11.43 -28.78 0.17
C THR D 269 11.34 -27.36 0.76
N LEU D 270 12.29 -26.54 0.32
CA LEU D 270 12.37 -25.14 0.65
C LEU D 270 11.12 -24.38 0.19
N LEU D 271 10.49 -24.79 -0.93
CA LEU D 271 9.19 -24.21 -1.36
C LEU D 271 8.08 -24.33 -0.32
N GLN D 272 8.14 -25.39 0.51
CA GLN D 272 7.07 -25.70 1.46
C GLN D 272 7.34 -25.21 2.84
N ILE D 273 8.60 -25.14 3.21
CA ILE D 273 8.94 -24.72 4.56
C ILE D 273 8.23 -23.46 5.04
N PRO D 274 8.17 -22.38 4.19
CA PRO D 274 7.63 -21.11 4.72
C PRO D 274 6.16 -21.15 5.17
N GLN D 275 5.44 -22.21 4.91
CA GLN D 275 4.12 -22.41 5.56
C GLN D 275 4.12 -22.22 7.07
N MET D 276 5.19 -22.71 7.71
CA MET D 276 5.42 -22.69 9.19
C MET D 276 5.38 -21.32 9.79
N TYR D 277 5.95 -20.41 9.02
CA TYR D 277 6.15 -19.07 9.49
C TYR D 277 4.82 -18.32 9.60
N GLN D 278 3.75 -18.85 9.00
CA GLN D 278 2.41 -18.32 9.20
C GLN D 278 1.85 -18.61 10.61
N LEU D 279 2.47 -19.53 11.34
CA LEU D 279 1.90 -19.96 12.61
C LEU D 279 1.89 -18.85 13.68
N ASP D 280 2.72 -17.83 13.50
CA ASP D 280 2.65 -16.71 14.40
C ASP D 280 3.38 -15.51 13.82
N THR D 281 3.13 -14.34 14.43
CA THR D 281 3.86 -13.13 14.07
C THR D 281 4.18 -12.32 15.30
N PRO D 282 5.48 -12.13 15.66
CA PRO D 282 6.68 -12.60 15.00
C PRO D 282 6.72 -14.10 15.04
N PHE D 283 7.51 -14.69 14.19
CA PHE D 283 7.58 -16.12 14.20
C PHE D 283 8.93 -16.64 14.68
N VAL D 284 9.68 -15.80 15.38
CA VAL D 284 10.87 -16.26 16.06
C VAL D 284 10.63 -17.49 16.99
N ASN D 285 9.49 -17.52 17.66
CA ASN D 285 9.03 -18.68 18.43
C ASN D 285 8.92 -19.97 17.58
N VAL D 286 8.35 -19.89 16.41
CA VAL D 286 8.28 -21.01 15.51
C VAL D 286 9.66 -21.51 15.19
N ILE D 287 10.60 -20.60 14.88
CA ILE D 287 11.91 -21.11 14.48
C ILE D 287 12.57 -21.91 15.62
N LYS D 288 12.53 -21.40 16.82
CA LYS D 288 13.17 -22.09 17.94
C LYS D 288 12.45 -23.39 18.25
N GLU D 289 11.13 -23.40 18.09
CA GLU D 289 10.40 -24.63 18.29
C GLU D 289 10.82 -25.64 17.26
N ALA D 290 11.15 -25.20 16.04
CA ALA D 290 11.59 -26.10 15.00
C ALA D 290 12.97 -26.67 15.30
N ILE D 291 13.81 -25.83 15.87
CA ILE D 291 15.18 -26.28 16.27
C ILE D 291 15.00 -27.46 17.22
N VAL D 292 14.07 -27.34 18.15
CA VAL D 292 13.84 -28.42 19.15
C VAL D 292 13.34 -29.71 18.51
N LEU D 293 12.28 -29.56 17.72
CA LEU D 293 11.65 -30.66 17.00
C LEU D 293 12.61 -31.34 16.08
N CYS D 294 13.58 -30.63 15.53
CA CYS D 294 14.55 -31.24 14.62
C CYS D 294 15.78 -31.83 15.37
N GLY D 295 15.81 -31.81 16.69
CA GLY D 295 16.81 -32.62 17.41
C GLY D 295 17.75 -31.88 18.32
N ARG D 296 17.73 -30.54 18.35
CA ARG D 296 18.51 -29.75 19.33
C ARG D 296 17.65 -29.15 20.46
N PRO D 297 17.67 -29.72 21.67
CA PRO D 297 16.81 -29.22 22.76
C PRO D 297 17.32 -27.93 23.43
N VAL D 298 16.74 -26.80 23.09
CA VAL D 298 17.12 -25.50 23.62
C VAL D 298 15.88 -24.90 24.25
N SER D 299 16.06 -24.01 25.21
CA SER D 299 14.98 -23.18 25.68
C SER D 299 14.45 -22.43 24.43
N THR D 300 13.14 -22.35 24.34
CA THR D 300 12.49 -21.64 23.24
C THR D 300 12.01 -20.25 23.62
N HIS D 301 12.38 -19.76 24.81
CA HIS D 301 12.01 -18.48 25.25
C HIS D 301 12.25 -17.43 24.17
N VAL D 302 11.27 -16.56 24.03
CA VAL D 302 11.42 -15.41 23.12
C VAL D 302 11.15 -14.16 23.87
N LEU D 303 11.70 -13.05 23.36
CA LEU D 303 11.46 -11.78 23.99
C LEU D 303 10.14 -11.08 23.59
N PRO D 304 9.47 -10.44 24.56
CA PRO D 304 8.31 -9.63 24.23
C PRO D 304 8.70 -8.49 23.26
N PRO D 305 7.79 -8.18 22.31
CA PRO D 305 6.35 -8.62 22.29
C PRO D 305 6.02 -9.92 21.56
N ALA D 306 7.03 -10.75 21.23
CA ALA D 306 6.75 -12.12 20.80
C ALA D 306 6.30 -12.90 22.02
N SER D 307 5.72 -14.07 21.82
CA SER D 307 5.16 -14.85 22.92
C SER D 307 5.34 -16.33 22.61
N PRO D 308 5.25 -17.19 23.64
CA PRO D 308 5.54 -18.59 23.36
C PRO D 308 4.48 -19.19 22.41
N LEU D 309 4.91 -20.07 21.54
CA LEU D 309 3.98 -20.77 20.67
C LEU D 309 3.06 -21.72 21.45
N ASP D 310 1.77 -21.65 21.23
CA ASP D 310 0.81 -22.57 21.90
C ASP D 310 0.96 -24.00 21.45
N GLU D 311 0.41 -24.90 22.25
CA GLU D 311 0.67 -26.32 21.98
C GLU D 311 0.05 -26.79 20.67
N PRO D 312 -1.18 -26.30 20.34
CA PRO D 312 -1.76 -26.71 19.09
C PRO D 312 -0.86 -26.34 17.91
N ARG D 313 -0.41 -25.11 17.89
CA ARG D 313 0.45 -24.72 16.79
C ARG D 313 1.85 -25.46 16.80
N LYS D 314 2.35 -25.84 17.98
CA LYS D 314 3.59 -26.59 18.04
C LYS D 314 3.39 -27.93 17.31
N ALA D 315 2.24 -28.56 17.54
CA ALA D 315 1.95 -29.83 16.90
C ALA D 315 1.81 -29.67 15.38
N GLN D 316 1.20 -28.57 14.97
CA GLN D 316 1.07 -28.20 13.57
C GLN D 316 2.46 -28.06 12.93
N LEU D 317 3.34 -27.30 13.57
CA LEU D 317 4.76 -27.23 13.17
C LEU D 317 5.33 -28.61 13.01
N LYS D 318 5.12 -29.43 14.01
CA LYS D 318 5.63 -30.82 13.98
C LYS D 318 5.14 -31.62 12.83
N THR D 319 3.85 -31.53 12.49
CA THR D 319 3.32 -32.29 11.35
C THR D 319 3.87 -31.74 10.03
N LEU D 320 4.13 -30.43 9.96
CA LEU D 320 4.70 -29.87 8.74
C LEU D 320 6.14 -30.43 8.58
N LEU D 321 6.88 -30.49 9.66
CA LEU D 321 8.28 -30.92 9.55
C LEU D 321 8.35 -32.41 9.21
N GLN D 322 7.40 -33.16 9.76
CA GLN D 322 7.28 -34.58 9.48
C GLN D 322 6.92 -34.81 8.03
N GLN D 323 5.97 -34.06 7.53
CA GLN D 323 5.61 -34.15 6.12
C GLN D 323 6.75 -33.84 5.16
N LEU D 324 7.66 -32.97 5.56
CA LEU D 324 8.80 -32.66 4.69
C LEU D 324 10.00 -33.51 4.99
N LYS D 325 9.83 -34.42 5.94
CA LYS D 325 10.84 -35.42 6.28
C LYS D 325 12.11 -34.77 6.90
N LEU D 326 11.88 -33.74 7.71
CA LEU D 326 12.92 -33.03 8.46
C LEU D 326 12.95 -33.29 9.98
N CYS D 327 12.08 -34.15 10.50
CA CYS D 327 12.20 -34.76 11.85
C CYS D 327 11.27 -35.98 11.98
#